data_8POV
#
_entry.id   8POV
#
_cell.length_a   73.201
_cell.length_b   95.506
_cell.length_c   118.978
_cell.angle_alpha   90.00
_cell.angle_beta   90.00
_cell.angle_gamma   90.00
#
_symmetry.space_group_name_H-M   'P 21 21 21'
#
loop_
_entity.id
_entity.type
_entity.pdbx_description
1 polymer 'Uptake hydrogenase large subunit'
2 polymer 'Uptake hydrogenase small subunit'
3 non-polymer formyl[bis(hydrocyanato-1kappaC)]ironnickel(Fe-Ni)
4 non-polymer 'MAGNESIUM ION'
5 non-polymer 'IRON/SULFUR CLUSTER'
6 non-polymer 'FE3-S4 CLUSTER'
7 water water
#
loop_
_entity_poly.entity_id
_entity_poly.type
_entity_poly.pdbx_seq_one_letter_code
_entity_poly.pdbx_strand_id
1 'polypeptide(L)'
;MSAYATQGFNLDDRGRRIVVDPVTRIEGHMRCEVNVDANNVIRNAVSTGTMWRGLEVILKGRDPRDAWAFVERICGVCTG
CHALASVRAVENALDIRIPKNAHLIREIMAKTLQVHDHAVHFYHLHALDWVDVMSALKADPKRTSELQQLVSPAHPLSSA
GYFRDIQNRLKRFVESGQLGPFMNGYWGSKAYVLPPEANLMAVTHYLEALDLQKEWVKIHTIFGGKNPHPNYLVGGVPCA
INLDGIGAASAPVNMERLSFVKARIDEIIEFNKNVYVPDVLAIGTLYKQAGWLYGGGLAATNVLDYGEYPNVAYNKSTDQ
LPGGAILNGNWDEVFPVDPRDSQQVQEFVSHSWYKYADESVGLHPWDGVTEPNYVLGANTKGTRTRIEQIDESAKYSWIK
SPRWRGHAMEVGPLSRYILAYAHARSGNKYAERPKEQLEYSAQMINSAIPKALGLPETQYTLKQLLPSTIGRTLARALES
QYCGEMMHSDWHDLVANIRAGDTATANVDKWDPATWPLQAKGVGTVAAPRGALGHWIRIKDGRIENYQCVVPTTWNGSPR
DYKGQIGAFEASLMNTPMVNPEQPVEILRTLHSFDPCLACSTH
;
L
2 'polypeptide(L)'
;METKPRTPVLWLHGLECTGCSESFIRSAHPLAKDVVLSMISLDYDDTLMAAAGHQAEAILEEIMTKYKGNYILAVEGNPP
LNQDGMSCIIGGRPFIEQLKYVAKDAKAIISWGSCASWGGVQAAKPNPTQATPVHKVITDKPIIKVPGCPPIAEVMTGVI
TYMLTFDRIPELDRQGRPKMFYSQRIHDKCYRRPHFDAGQFVEEWDDESARKGFCLYKMGCKGPTTYNACSTTRWNEGTS
FPIQSGHGCIGCSEDGFWDKGSFYDRLTGISQFGVEANADKIGGTASVVVGAAVTAHAAASAIKRASKKNETSGSEHRSA
WSHPQFEK
;
S
#
# COMPACT_ATOMS: atom_id res chain seq x y z
N ALA A 3 -19.12 5.87 29.22
CA ALA A 3 -20.06 6.08 28.08
C ALA A 3 -20.27 7.56 27.80
N TYR A 4 -20.14 7.96 26.54
CA TYR A 4 -20.47 9.32 26.13
C TYR A 4 -20.89 9.35 24.67
N ALA A 5 -21.56 10.42 24.27
CA ALA A 5 -22.05 10.58 22.90
C ALA A 5 -21.14 11.52 22.12
N THR A 6 -20.92 11.22 20.85
CA THR A 6 -20.10 12.07 19.98
C THR A 6 -20.47 11.75 18.54
N GLN A 7 -20.74 12.79 17.75
CA GLN A 7 -21.08 12.66 16.32
C GLN A 7 -22.28 11.76 16.03
N GLY A 8 -23.22 11.67 16.97
CA GLY A 8 -24.38 10.80 16.82
C GLY A 8 -24.11 9.34 17.19
N PHE A 9 -22.93 9.06 17.75
CA PHE A 9 -22.60 7.71 18.17
C PHE A 9 -22.58 7.62 19.69
N ASN A 10 -23.34 6.66 20.22
CA ASN A 10 -23.40 6.43 21.66
C ASN A 10 -22.34 5.43 22.09
N LEU A 11 -21.14 5.94 22.37
CA LEU A 11 -20.03 5.09 22.82
C LEU A 11 -20.30 4.55 24.21
N ASP A 12 -20.02 3.27 24.42
CA ASP A 12 -20.25 2.62 25.70
C ASP A 12 -19.29 1.45 25.83
N ASP A 13 -18.47 1.47 26.87
CA ASP A 13 -17.43 0.46 27.08
C ASP A 13 -17.77 -0.48 28.23
N ARG A 14 -19.04 -0.52 28.64
CA ARG A 14 -19.49 -1.41 29.71
C ARG A 14 -19.67 -2.86 29.26
N GLY A 15 -19.83 -3.10 27.96
CA GLY A 15 -20.06 -4.45 27.46
C GLY A 15 -18.81 -5.29 27.39
N ARG A 16 -18.93 -6.43 26.73
CA ARG A 16 -17.82 -7.38 26.62
C ARG A 16 -16.69 -6.84 25.76
N ARG A 17 -15.49 -6.78 26.31
CA ARG A 17 -14.34 -6.30 25.54
C ARG A 17 -13.82 -7.41 24.63
N ILE A 18 -13.54 -7.06 23.37
CA ILE A 18 -12.95 -8.02 22.46
CA ILE A 18 -13.01 -8.00 22.39
C ILE A 18 -11.75 -7.41 21.75
N VAL A 19 -10.70 -8.23 21.60
CA VAL A 19 -9.42 -7.78 21.06
C VAL A 19 -9.07 -8.50 19.77
N VAL A 20 -8.61 -7.72 18.79
CA VAL A 20 -8.11 -8.26 17.53
C VAL A 20 -6.70 -7.67 17.29
N ASP A 21 -5.69 -8.47 17.58
CA ASP A 21 -4.28 -8.10 17.45
C ASP A 21 -3.45 -9.35 17.19
N PRO A 22 -2.92 -9.51 15.96
CA PRO A 22 -2.93 -8.56 14.86
C PRO A 22 -4.21 -8.56 14.02
N VAL A 23 -4.57 -7.39 13.51
CA VAL A 23 -5.52 -7.31 12.41
C VAL A 23 -4.72 -7.71 11.18
N THR A 24 -5.19 -8.72 10.46
CA THR A 24 -4.48 -9.24 9.30
C THR A 24 -5.15 -8.80 8.01
N ARG A 25 -4.52 -9.15 6.88
CA ARG A 25 -4.95 -8.69 5.56
C ARG A 25 -5.10 -7.18 5.51
N ILE A 26 -4.09 -6.53 6.09
CA ILE A 26 -3.85 -5.11 5.93
C ILE A 26 -2.36 -4.95 5.66
N GLU A 27 -1.96 -3.75 5.31
CA GLU A 27 -0.55 -3.42 5.25
CA GLU A 27 -0.55 -3.39 5.26
C GLU A 27 -0.15 -2.93 6.65
N GLY A 28 0.97 -3.43 7.16
CA GLY A 28 1.50 -2.96 8.43
C GLY A 28 0.77 -3.50 9.62
N HIS A 29 0.83 -2.78 10.74
CA HIS A 29 0.40 -3.33 12.04
C HIS A 29 -0.71 -2.53 12.69
N MET A 30 -1.80 -3.22 13.03
CA MET A 30 -2.93 -2.61 13.74
C MET A 30 -3.45 -3.53 14.83
N ARG A 31 -3.90 -2.91 15.93
CA ARG A 31 -4.67 -3.58 16.96
C ARG A 31 -6.04 -2.91 17.00
N CYS A 32 -7.08 -3.73 17.09
CA CYS A 32 -8.45 -3.22 17.23
C CYS A 32 -9.09 -3.85 18.46
N GLU A 33 -9.72 -3.02 19.29
CA GLU A 33 -10.51 -3.48 20.40
C GLU A 33 -11.92 -2.93 20.24
N VAL A 34 -12.92 -3.73 20.58
CA VAL A 34 -14.30 -3.28 20.58
C VAL A 34 -14.98 -3.74 21.85
N ASN A 35 -16.07 -3.07 22.21
CA ASN A 35 -17.00 -3.60 23.20
C ASN A 35 -18.30 -3.90 22.48
N VAL A 36 -18.96 -5.00 22.87
CA VAL A 36 -20.25 -5.37 22.31
C VAL A 36 -21.28 -5.51 23.42
N ASP A 37 -22.55 -5.32 23.07
CA ASP A 37 -23.62 -5.35 24.05
C ASP A 37 -24.19 -6.77 24.20
N ALA A 38 -25.27 -6.89 24.98
CA ALA A 38 -25.91 -8.18 25.24
C ALA A 38 -26.29 -8.94 23.98
N ASN A 39 -26.36 -8.22 22.85
CA ASN A 39 -26.83 -8.80 21.61
C ASN A 39 -25.74 -8.85 20.56
N ASN A 40 -24.48 -8.74 20.99
CA ASN A 40 -23.31 -8.76 20.10
C ASN A 40 -23.22 -7.60 19.11
N VAL A 41 -23.81 -6.46 19.46
CA VAL A 41 -23.68 -5.26 18.66
C VAL A 41 -22.50 -4.45 19.20
N ILE A 42 -21.61 -4.04 18.31
CA ILE A 42 -20.48 -3.22 18.72
C ILE A 42 -21.00 -1.85 19.18
N ARG A 43 -20.66 -1.50 20.42
CA ARG A 43 -21.04 -0.20 21.01
C ARG A 43 -19.81 0.68 21.33
N ASN A 44 -18.61 0.16 21.08
CA ASN A 44 -17.36 0.92 21.24
C ASN A 44 -16.32 0.32 20.34
N ALA A 45 -15.43 1.16 19.81
CA ALA A 45 -14.37 0.70 18.92
C ALA A 45 -13.11 1.55 19.11
N VAL A 46 -11.97 0.87 19.18
CA VAL A 46 -10.68 1.49 19.48
C VAL A 46 -9.67 1.10 18.39
N SER A 47 -9.20 2.09 17.65
CA SER A 47 -8.22 1.84 16.59
C SER A 47 -6.82 2.19 17.08
N THR A 48 -5.94 1.19 17.12
CA THR A 48 -4.57 1.38 17.60
C THR A 48 -3.55 1.05 16.51
N GLY A 49 -2.83 2.06 16.04
CA GLY A 49 -1.70 1.86 15.15
C GLY A 49 -0.53 1.37 15.95
N THR A 50 -0.03 0.18 15.62
CA THR A 50 0.95 -0.52 16.46
C THR A 50 2.38 -0.51 15.87
N MET A 51 2.68 0.49 15.03
CA MET A 51 4.03 0.65 14.52
C MET A 51 4.39 2.12 14.32
N TRP A 52 5.68 2.42 14.36
CA TRP A 52 6.20 3.73 14.02
C TRP A 52 7.68 3.59 13.65
N ARG A 53 8.12 4.40 12.69
CA ARG A 53 9.48 4.38 12.19
C ARG A 53 10.19 5.75 12.28
N GLY A 54 9.45 6.84 12.12
CA GLY A 54 10.00 8.19 12.31
C GLY A 54 10.65 8.80 11.09
N LEU A 55 10.06 8.60 9.92
CA LEU A 55 10.59 9.19 8.69
C LEU A 55 10.68 10.70 8.78
N GLU A 56 9.73 11.32 9.46
CA GLU A 56 9.72 12.76 9.57
C GLU A 56 10.95 13.24 10.33
N VAL A 57 11.36 12.46 11.32
CA VAL A 57 12.53 12.80 12.13
C VAL A 57 13.77 12.49 11.32
N ILE A 58 13.76 11.35 10.64
CA ILE A 58 14.91 10.92 9.82
C ILE A 58 15.25 11.97 8.76
N LEU A 59 14.23 12.58 8.18
CA LEU A 59 14.42 13.54 7.09
C LEU A 59 15.12 14.85 7.45
N LYS A 60 15.11 15.23 8.73
CA LYS A 60 15.68 16.50 9.15
C LYS A 60 17.14 16.62 8.73
N GLY A 61 17.47 17.75 8.10
CA GLY A 61 18.85 18.08 7.73
C GLY A 61 19.29 17.50 6.40
N ARG A 62 18.39 16.76 5.73
CA ARG A 62 18.76 16.11 4.47
C ARG A 62 18.43 17.01 3.27
N ASP A 63 18.92 16.62 2.10
CA ASP A 63 18.69 17.40 0.88
C ASP A 63 17.26 17.13 0.37
N PRO A 64 16.47 18.20 0.18
CA PRO A 64 15.10 18.06 -0.32
C PRO A 64 14.96 17.20 -1.58
N ARG A 65 15.98 17.20 -2.42
CA ARG A 65 15.98 16.43 -3.65
C ARG A 65 16.04 14.95 -3.39
N ASP A 66 16.57 14.56 -2.24
CA ASP A 66 16.64 13.15 -1.88
C ASP A 66 15.38 12.69 -1.16
N ALA A 67 14.51 13.62 -0.75
CA ALA A 67 13.40 13.27 0.14
C ALA A 67 12.46 12.20 -0.43
N TRP A 68 12.15 12.31 -1.73
CA TRP A 68 11.17 11.44 -2.34
C TRP A 68 11.49 9.96 -2.10
N ALA A 69 12.76 9.59 -2.18
CA ALA A 69 13.18 8.19 -2.05
C ALA A 69 13.04 7.68 -0.61
N PHE A 70 13.29 8.56 0.35
CA PHE A 70 13.06 8.22 1.74
C PHE A 70 11.58 7.99 1.97
N VAL A 71 10.76 8.97 1.61
CA VAL A 71 9.32 8.89 1.94
C VAL A 71 8.56 7.89 1.06
N GLU A 72 9.13 7.52 -0.07
CA GLU A 72 8.59 6.45 -0.89
C GLU A 72 8.56 5.16 -0.07
N ARG A 73 9.60 4.95 0.74
CA ARG A 73 9.67 3.74 1.57
C ARG A 73 8.79 3.82 2.81
N ILE A 74 7.95 4.85 2.92
CA ILE A 74 6.87 4.81 3.91
C ILE A 74 5.98 3.63 3.62
N CYS A 75 5.80 3.32 2.34
CA CYS A 75 4.89 2.23 1.95
C CYS A 75 5.18 1.65 0.57
N GLY A 76 5.31 0.33 0.50
CA GLY A 76 5.57 -0.35 -0.76
C GLY A 76 4.32 -0.84 -1.48
N VAL A 77 3.15 -0.63 -0.86
CA VAL A 77 1.86 -0.98 -1.47
C VAL A 77 1.36 0.20 -2.25
N CYS A 78 1.21 1.35 -1.59
CA CYS A 78 0.93 2.61 -2.29
C CYS A 78 2.26 3.24 -2.70
N THR A 79 3.04 2.44 -3.43
CA THR A 79 4.42 2.77 -3.76
C THR A 79 4.48 3.83 -4.86
N GLY A 80 5.11 4.95 -4.55
CA GLY A 80 5.27 6.03 -5.52
C GLY A 80 4.36 7.21 -5.24
N CYS A 81 3.25 7.00 -4.52
CA CYS A 81 2.36 8.11 -4.20
C CYS A 81 3.06 9.09 -3.24
N HIS A 82 3.90 8.57 -2.36
CA HIS A 82 4.68 9.41 -1.45
C HIS A 82 5.79 10.14 -2.19
N ALA A 83 6.37 9.48 -3.19
CA ALA A 83 7.42 10.11 -3.98
C ALA A 83 6.79 11.29 -4.72
N LEU A 84 5.60 11.05 -5.27
CA LEU A 84 4.86 12.08 -6.00
C LEU A 84 4.54 13.27 -5.11
N ALA A 85 4.04 13.02 -3.90
CA ALA A 85 3.75 14.07 -2.94
C ALA A 85 4.99 14.88 -2.61
N SER A 86 6.12 14.19 -2.45
CA SER A 86 7.37 14.83 -2.07
C SER A 86 7.93 15.73 -3.16
N VAL A 87 8.01 15.23 -4.39
CA VAL A 87 8.56 16.07 -5.45
C VAL A 87 7.60 17.25 -5.67
N ARG A 88 6.29 17.01 -5.55
CA ARG A 88 5.34 18.13 -5.64
C ARG A 88 5.58 19.15 -4.54
N ALA A 89 5.90 18.70 -3.34
CA ALA A 89 6.11 19.62 -2.21
C ALA A 89 7.37 20.47 -2.42
N VAL A 90 8.43 19.85 -2.92
CA VAL A 90 9.70 20.56 -3.15
C VAL A 90 9.55 21.53 -4.33
N GLU A 91 8.92 21.06 -5.39
CA GLU A 91 8.61 21.91 -6.54
C GLU A 91 7.78 23.14 -6.16
N ASN A 92 6.80 22.93 -5.28
CA ASN A 92 5.98 24.00 -4.76
C ASN A 92 6.79 24.98 -3.93
N ALA A 93 7.68 24.45 -3.09
CA ALA A 93 8.57 25.27 -2.28
C ALA A 93 9.48 26.13 -3.13
N LEU A 94 10.02 25.55 -4.20
CA LEU A 94 11.02 26.23 -5.03
C LEU A 94 10.42 26.89 -6.28
N ASP A 95 9.10 26.85 -6.42
CA ASP A 95 8.42 27.43 -7.58
C ASP A 95 8.91 26.79 -8.90
N ILE A 96 8.89 25.46 -8.97
CA ILE A 96 9.31 24.72 -10.16
C ILE A 96 8.09 24.18 -10.92
N ARG A 97 8.01 24.49 -12.21
CA ARG A 97 6.99 23.95 -13.10
C ARG A 97 7.58 22.82 -13.93
N ILE A 98 7.04 21.61 -13.80
CA ILE A 98 7.54 20.47 -14.56
C ILE A 98 6.98 20.48 -15.97
N PRO A 99 7.75 19.95 -16.94
CA PRO A 99 7.24 19.96 -18.32
C PRO A 99 6.05 19.03 -18.51
N LYS A 100 5.32 19.24 -19.60
CA LYS A 100 4.07 18.51 -19.85
C LYS A 100 4.24 16.99 -19.86
N ASN A 101 5.30 16.48 -20.50
CA ASN A 101 5.54 15.03 -20.56
C ASN A 101 5.75 14.42 -19.15
N ALA A 102 6.46 15.15 -18.31
CA ALA A 102 6.69 14.71 -16.95
C ALA A 102 5.39 14.63 -16.17
N HIS A 103 4.54 15.65 -16.31
CA HIS A 103 3.19 15.65 -15.74
C HIS A 103 2.41 14.42 -16.18
N LEU A 104 2.37 14.16 -17.48
CA LEU A 104 1.58 13.06 -18.01
C LEU A 104 2.10 11.68 -17.55
N ILE A 105 3.42 11.51 -17.54
CA ILE A 105 4.03 10.27 -17.07
C ILE A 105 3.74 10.04 -15.58
N ARG A 106 3.78 11.11 -14.77
CA ARG A 106 3.41 11.01 -13.36
C ARG A 106 1.93 10.67 -13.19
N GLU A 107 1.08 11.22 -14.06
CA GLU A 107 -0.36 10.90 -14.01
C GLU A 107 -0.59 9.42 -14.34
N ILE A 108 0.06 8.94 -15.41
CA ILE A 108 -0.02 7.54 -15.79
C ILE A 108 0.51 6.64 -14.67
N MET A 109 1.63 7.01 -14.06
CA MET A 109 2.17 6.22 -12.94
C MET A 109 1.23 6.22 -11.75
N ALA A 110 0.61 7.37 -11.49
CA ALA A 110 -0.31 7.48 -10.37
C ALA A 110 -1.54 6.61 -10.60
N LYS A 111 -2.04 6.64 -11.82
CA LYS A 111 -3.25 5.92 -12.15
C LYS A 111 -3.02 4.41 -12.25
N THR A 112 -1.84 4.01 -12.70
CA THR A 112 -1.44 2.59 -12.64
C THR A 112 -1.39 2.07 -11.20
N LEU A 113 -0.85 2.88 -10.29
CA LEU A 113 -0.82 2.52 -8.89
C LEU A 113 -2.25 2.37 -8.34
N GLN A 114 -3.13 3.30 -8.69
CA GLN A 114 -4.53 3.20 -8.26
C GLN A 114 -5.15 1.87 -8.62
N VAL A 115 -5.00 1.46 -9.88
CA VAL A 115 -5.63 0.25 -10.35
C VAL A 115 -5.02 -0.97 -9.68
N HIS A 116 -3.69 -1.05 -9.69
CA HIS A 116 -2.98 -2.19 -9.13
C HIS A 116 -3.35 -2.36 -7.66
N ASP A 117 -3.26 -1.26 -6.93
CA ASP A 117 -3.49 -1.25 -5.49
C ASP A 117 -4.94 -1.62 -5.20
N HIS A 118 -5.88 -0.98 -5.90
CA HIS A 118 -7.30 -1.26 -5.72
C HIS A 118 -7.66 -2.72 -6.00
N ALA A 119 -7.22 -3.24 -7.15
CA ALA A 119 -7.59 -4.60 -7.56
C ALA A 119 -6.97 -5.64 -6.64
N VAL A 120 -5.69 -5.49 -6.33
CA VAL A 120 -5.04 -6.44 -5.43
C VAL A 120 -5.68 -6.37 -4.05
N HIS A 121 -6.04 -5.17 -3.60
CA HIS A 121 -6.67 -5.07 -2.31
C HIS A 121 -7.95 -5.86 -2.28
N PHE A 122 -8.80 -5.70 -3.31
CA PHE A 122 -10.10 -6.35 -3.24
C PHE A 122 -9.93 -7.86 -3.22
N TYR A 123 -9.17 -8.38 -4.17
CA TYR A 123 -9.05 -9.83 -4.31
C TYR A 123 -8.19 -10.47 -3.23
N HIS A 124 -7.03 -9.90 -2.96
CA HIS A 124 -6.08 -10.59 -2.11
CA HIS A 124 -5.99 -10.53 -2.15
C HIS A 124 -6.13 -10.21 -0.65
N LEU A 125 -6.76 -9.08 -0.34
CA LEU A 125 -6.95 -8.71 1.07
C LEU A 125 -8.41 -8.69 1.51
N HIS A 126 -9.32 -8.22 0.67
CA HIS A 126 -10.70 -8.02 1.08
C HIS A 126 -11.65 -9.19 0.79
N ALA A 127 -11.43 -9.88 -0.31
CA ALA A 127 -12.37 -10.88 -0.79
C ALA A 127 -12.74 -11.94 0.26
N LEU A 128 -11.76 -12.38 1.06
CA LEU A 128 -12.01 -13.42 2.08
C LEU A 128 -12.87 -12.97 3.26
N ASP A 129 -13.30 -11.70 3.26
CA ASP A 129 -14.31 -11.24 4.22
C ASP A 129 -15.72 -11.46 3.68
N TRP A 130 -15.82 -11.65 2.36
CA TRP A 130 -17.09 -11.83 1.67
C TRP A 130 -17.25 -13.23 1.12
N VAL A 131 -16.12 -13.91 0.90
CA VAL A 131 -16.07 -15.17 0.17
C VAL A 131 -15.61 -16.32 1.07
N ASP A 132 -16.40 -17.39 1.11
CA ASP A 132 -16.03 -18.61 1.84
C ASP A 132 -15.34 -19.54 0.84
N VAL A 133 -14.05 -19.79 1.05
CA VAL A 133 -13.25 -20.61 0.14
CA VAL A 133 -13.26 -20.60 0.13
CA VAL A 133 -13.27 -20.60 0.14
C VAL A 133 -13.66 -22.08 0.22
N MET A 134 -14.06 -22.53 1.41
CA MET A 134 -14.47 -23.92 1.61
C MET A 134 -15.81 -24.21 0.93
N SER A 135 -16.71 -23.21 0.93
CA SER A 135 -17.96 -23.31 0.21
C SER A 135 -17.73 -23.44 -1.29
N ALA A 136 -16.69 -22.79 -1.78
CA ALA A 136 -16.32 -22.89 -3.19
C ALA A 136 -16.00 -24.35 -3.59
N LEU A 137 -15.54 -25.16 -2.64
CA LEU A 137 -15.16 -26.55 -2.93
C LEU A 137 -16.38 -27.38 -3.31
N LYS A 138 -17.50 -27.11 -2.65
CA LYS A 138 -18.75 -27.81 -2.91
C LYS A 138 -19.67 -27.01 -3.84
N ALA A 139 -19.09 -26.27 -4.78
CA ALA A 139 -19.87 -25.57 -5.79
C ALA A 139 -20.04 -26.44 -7.03
N ASP A 140 -21.13 -26.26 -7.76
CA ASP A 140 -21.32 -26.95 -9.04
C ASP A 140 -20.60 -26.17 -10.13
N PRO A 141 -19.64 -26.80 -10.82
CA PRO A 141 -18.92 -26.12 -11.92
C PRO A 141 -19.84 -25.55 -13.01
N LYS A 142 -20.92 -26.25 -13.34
CA LYS A 142 -21.83 -25.83 -14.41
C LYS A 142 -22.54 -24.51 -14.09
N ARG A 143 -23.24 -24.44 -12.97
CA ARG A 143 -23.97 -23.22 -12.57
C ARG A 143 -23.02 -22.02 -12.37
N THR A 144 -21.79 -22.29 -11.96
CA THR A 144 -20.77 -21.24 -11.82
C THR A 144 -20.48 -20.58 -13.17
N SER A 145 -20.41 -21.40 -14.22
CA SER A 145 -20.30 -20.90 -15.59
C SER A 145 -21.51 -20.03 -15.92
N GLU A 146 -22.70 -20.50 -15.54
CA GLU A 146 -23.93 -19.76 -15.79
C GLU A 146 -23.97 -18.45 -15.01
N LEU A 147 -23.52 -18.48 -13.76
CA LEU A 147 -23.41 -17.26 -12.96
C LEU A 147 -22.42 -16.30 -13.59
N GLN A 148 -21.27 -16.83 -13.99
CA GLN A 148 -20.24 -16.03 -14.64
C GLN A 148 -20.80 -15.29 -15.87
N GLN A 149 -21.65 -15.94 -16.66
CA GLN A 149 -22.19 -15.32 -17.88
C GLN A 149 -23.16 -14.18 -17.55
N LEU A 150 -23.91 -14.31 -16.47
CA LEU A 150 -24.81 -13.25 -16.01
C LEU A 150 -24.03 -12.10 -15.36
N VAL A 151 -23.08 -12.42 -14.51
CA VAL A 151 -22.29 -11.40 -13.82
C VAL A 151 -21.42 -10.58 -14.78
N SER A 152 -20.80 -11.24 -15.76
CA SER A 152 -19.98 -10.55 -16.78
C SER A 152 -19.98 -11.31 -18.11
N PRO A 153 -20.89 -10.94 -19.04
CA PRO A 153 -21.00 -11.64 -20.32
C PRO A 153 -19.74 -11.60 -21.18
N ALA A 154 -18.98 -10.51 -21.11
CA ALA A 154 -17.84 -10.32 -22.00
C ALA A 154 -16.57 -11.03 -21.56
N HIS A 155 -16.53 -11.52 -20.32
CA HIS A 155 -15.33 -12.15 -19.79
C HIS A 155 -15.18 -13.57 -20.33
N PRO A 156 -14.16 -13.82 -21.15
CA PRO A 156 -14.13 -15.06 -21.93
C PRO A 156 -13.74 -16.33 -21.16
N LEU A 157 -13.26 -16.20 -19.92
CA LEU A 157 -12.94 -17.37 -19.10
C LEU A 157 -14.20 -17.78 -18.33
N SER A 158 -15.06 -18.57 -18.99
CA SER A 158 -16.42 -18.86 -18.48
CA SER A 158 -16.41 -18.86 -18.49
C SER A 158 -16.78 -20.34 -18.36
N SER A 159 -16.11 -21.21 -19.13
CA SER A 159 -16.51 -22.62 -19.21
C SER A 159 -16.50 -23.40 -17.88
N ALA A 160 -17.21 -24.52 -17.85
CA ALA A 160 -17.36 -25.34 -16.64
C ALA A 160 -16.10 -26.11 -16.27
N GLY A 161 -15.41 -26.65 -17.28
CA GLY A 161 -14.15 -27.36 -17.06
C GLY A 161 -13.13 -26.47 -16.39
N TYR A 162 -12.97 -25.27 -16.93
CA TYR A 162 -12.07 -24.27 -16.34
C TYR A 162 -12.37 -24.10 -14.84
N PHE A 163 -13.63 -23.87 -14.51
CA PHE A 163 -14.03 -23.78 -13.09
C PHE A 163 -13.81 -25.08 -12.33
N ARG A 164 -14.07 -26.22 -12.99
CA ARG A 164 -13.80 -27.53 -12.39
C ARG A 164 -12.29 -27.68 -12.12
N ASP A 165 -11.49 -27.38 -13.13
CA ASP A 165 -10.03 -27.44 -13.02
CA ASP A 165 -10.04 -27.47 -12.99
C ASP A 165 -9.54 -26.62 -11.82
N ILE A 166 -10.02 -25.38 -11.73
CA ILE A 166 -9.64 -24.51 -10.62
C ILE A 166 -10.12 -25.10 -9.30
N GLN A 167 -11.38 -25.54 -9.26
CA GLN A 167 -11.94 -26.16 -8.07
C GLN A 167 -11.09 -27.36 -7.60
N ASN A 168 -10.69 -28.20 -8.54
CA ASN A 168 -9.91 -29.39 -8.18
C ASN A 168 -8.58 -29.06 -7.52
N ARG A 169 -7.86 -28.07 -8.05
CA ARG A 169 -6.59 -27.67 -7.45
C ARG A 169 -6.81 -27.21 -6.01
N LEU A 170 -7.89 -26.47 -5.78
CA LEU A 170 -8.25 -26.06 -4.43
C LEU A 170 -8.53 -27.27 -3.55
N LYS A 171 -9.31 -28.22 -4.05
CA LYS A 171 -9.61 -29.45 -3.32
C LYS A 171 -8.34 -30.18 -2.89
N ARG A 172 -7.49 -30.52 -3.85
CA ARG A 172 -6.23 -31.17 -3.54
C ARG A 172 -5.43 -30.35 -2.52
N PHE A 173 -5.45 -29.03 -2.68
CA PHE A 173 -4.73 -28.13 -1.76
C PHE A 173 -5.20 -28.33 -0.33
N VAL A 174 -6.49 -28.16 -0.09
CA VAL A 174 -7.06 -28.30 1.25
C VAL A 174 -6.94 -29.74 1.79
N GLU A 175 -7.02 -30.72 0.90
CA GLU A 175 -6.97 -32.12 1.32
C GLU A 175 -5.57 -32.58 1.72
N SER A 176 -4.56 -31.76 1.44
CA SER A 176 -3.20 -32.01 1.93
C SER A 176 -3.11 -31.88 3.45
N GLY A 177 -3.97 -31.04 4.04
CA GLY A 177 -3.91 -30.75 5.47
C GLY A 177 -3.08 -29.51 5.76
N GLN A 178 -2.49 -28.94 4.71
CA GLN A 178 -1.74 -27.69 4.80
C GLN A 178 -2.53 -26.61 4.05
N LEU A 179 -3.35 -25.87 4.79
CA LEU A 179 -4.26 -24.90 4.19
C LEU A 179 -3.62 -23.53 3.97
N GLY A 180 -2.35 -23.37 4.37
CA GLY A 180 -1.61 -22.14 4.14
C GLY A 180 -2.40 -20.93 4.59
N PRO A 181 -2.64 -19.97 3.69
CA PRO A 181 -3.37 -18.74 4.07
C PRO A 181 -4.83 -18.96 4.51
N PHE A 182 -5.40 -20.13 4.26
CA PHE A 182 -6.77 -20.42 4.67
C PHE A 182 -6.86 -21.09 6.04
N MET A 183 -5.70 -21.32 6.65
CA MET A 183 -5.62 -22.02 7.92
C MET A 183 -6.35 -21.26 9.03
N ASN A 184 -7.20 -21.98 9.78
CA ASN A 184 -8.02 -21.41 10.86
C ASN A 184 -8.94 -20.29 10.41
N GLY A 185 -9.38 -20.33 9.16
CA GLY A 185 -10.27 -19.32 8.62
C GLY A 185 -11.64 -19.45 9.26
N TYR A 186 -12.47 -18.43 9.12
CA TYR A 186 -13.78 -18.39 9.77
C TYR A 186 -14.84 -19.00 8.87
N TRP A 187 -14.43 -19.98 8.07
CA TRP A 187 -15.28 -20.60 7.07
C TRP A 187 -16.50 -21.24 7.72
N GLY A 188 -17.64 -21.12 7.06
CA GLY A 188 -18.89 -21.66 7.57
C GLY A 188 -19.60 -20.75 8.57
N SER A 189 -19.06 -19.57 8.81
CA SER A 189 -19.75 -18.57 9.62
C SER A 189 -21.03 -18.18 8.89
N LYS A 190 -22.10 -17.94 9.64
CA LYS A 190 -23.34 -17.47 9.03
C LYS A 190 -23.18 -16.05 8.49
N ALA A 191 -22.10 -15.38 8.85
CA ALA A 191 -21.79 -14.05 8.29
C ALA A 191 -21.47 -14.14 6.78
N TYR A 192 -21.02 -15.30 6.32
CA TYR A 192 -20.90 -15.55 4.89
C TYR A 192 -22.28 -15.89 4.35
N VAL A 193 -22.70 -15.22 3.28
CA VAL A 193 -24.03 -15.46 2.69
C VAL A 193 -24.00 -15.87 1.23
N LEU A 194 -22.84 -15.83 0.59
CA LEU A 194 -22.78 -16.15 -0.83
C LEU A 194 -23.08 -17.62 -1.10
N PRO A 195 -23.70 -17.92 -2.25
CA PRO A 195 -23.83 -19.31 -2.66
C PRO A 195 -22.51 -19.85 -3.18
N PRO A 196 -22.33 -21.19 -3.14
CA PRO A 196 -21.11 -21.85 -3.59
C PRO A 196 -20.56 -21.32 -4.92
N GLU A 197 -21.45 -21.10 -5.88
CA GLU A 197 -21.04 -20.72 -7.24
C GLU A 197 -20.37 -19.34 -7.27
N ALA A 198 -20.93 -18.40 -6.53
CA ALA A 198 -20.34 -17.07 -6.41
C ALA A 198 -18.99 -17.15 -5.71
N ASN A 199 -18.89 -17.99 -4.69
CA ASN A 199 -17.64 -18.23 -3.98
C ASN A 199 -16.55 -18.75 -4.92
N LEU A 200 -16.88 -19.79 -5.69
CA LEU A 200 -15.91 -20.36 -6.63
C LEU A 200 -15.53 -19.34 -7.70
N MET A 201 -16.51 -18.56 -8.18
CA MET A 201 -16.25 -17.50 -9.17
C MET A 201 -15.22 -16.49 -8.66
N ALA A 202 -15.37 -16.05 -7.41
CA ALA A 202 -14.49 -15.05 -6.82
C ALA A 202 -13.08 -15.58 -6.55
N VAL A 203 -13.00 -16.78 -5.96
CA VAL A 203 -11.71 -17.42 -5.68
C VAL A 203 -10.96 -17.65 -6.98
N THR A 204 -11.70 -17.92 -8.05
CA THR A 204 -11.11 -18.06 -9.37
C THR A 204 -10.51 -16.73 -9.85
N HIS A 205 -11.23 -15.64 -9.61
CA HIS A 205 -10.73 -14.33 -10.03
C HIS A 205 -9.57 -13.85 -9.14
N TYR A 206 -9.57 -14.29 -7.89
CA TYR A 206 -8.46 -14.10 -6.95
C TYR A 206 -7.16 -14.61 -7.59
N LEU A 207 -7.22 -15.82 -8.13
CA LEU A 207 -6.08 -16.44 -8.80
C LEU A 207 -5.75 -15.73 -10.12
N GLU A 208 -6.77 -15.35 -10.88
CA GLU A 208 -6.54 -14.58 -12.12
C GLU A 208 -5.86 -13.23 -11.83
N ALA A 209 -6.39 -12.49 -10.85
CA ALA A 209 -5.82 -11.21 -10.44
C ALA A 209 -4.39 -11.35 -9.93
N LEU A 210 -4.10 -12.43 -9.22
CA LEU A 210 -2.76 -12.66 -8.68
C LEU A 210 -1.75 -12.81 -9.81
N ASP A 211 -2.16 -13.44 -10.90
CA ASP A 211 -1.29 -13.62 -12.07
C ASP A 211 -1.17 -12.35 -12.90
N LEU A 212 -2.26 -11.58 -12.97
CA LEU A 212 -2.31 -10.41 -13.86
C LEU A 212 -1.72 -9.14 -13.25
N GLN A 213 -1.80 -9.02 -11.93
CA GLN A 213 -1.36 -7.79 -11.26
C GLN A 213 0.10 -7.47 -11.57
N LYS A 214 0.93 -8.49 -11.77
CA LYS A 214 2.36 -8.30 -12.00
C LYS A 214 2.65 -7.73 -13.37
N GLU A 215 1.72 -7.86 -14.31
CA GLU A 215 1.88 -7.29 -15.64
C GLU A 215 1.65 -5.77 -15.63
N TRP A 216 0.62 -5.35 -14.91
CA TRP A 216 0.21 -3.95 -14.91
C TRP A 216 1.33 -3.01 -14.45
N VAL A 217 2.12 -3.44 -13.47
CA VAL A 217 3.15 -2.58 -12.87
C VAL A 217 4.33 -2.38 -13.81
N LYS A 218 4.38 -3.11 -14.92
CA LYS A 218 5.45 -2.92 -15.88
C LYS A 218 5.46 -1.49 -16.43
N ILE A 219 4.32 -0.81 -16.32
CA ILE A 219 4.23 0.61 -16.65
C ILE A 219 5.15 1.42 -15.73
N HIS A 220 5.09 1.13 -14.43
CA HIS A 220 6.02 1.72 -13.47
C HIS A 220 7.46 1.40 -13.80
N THR A 221 7.71 0.16 -14.22
CA THR A 221 9.06 -0.29 -14.52
C THR A 221 9.65 0.48 -15.68
N ILE A 222 8.84 0.70 -16.71
CA ILE A 222 9.31 1.46 -17.87
C ILE A 222 9.65 2.91 -17.50
N PHE A 223 8.73 3.63 -16.87
CA PHE A 223 8.98 5.05 -16.56
C PHE A 223 9.89 5.27 -15.33
N GLY A 224 9.90 4.31 -14.41
CA GLY A 224 10.60 4.48 -13.14
C GLY A 224 11.56 3.37 -12.75
N GLY A 225 11.85 2.46 -13.66
CA GLY A 225 12.93 1.47 -13.47
C GLY A 225 12.64 0.18 -12.70
N LYS A 226 11.68 0.22 -11.79
CA LYS A 226 11.36 -0.92 -10.93
C LYS A 226 10.00 -0.73 -10.27
N ASN A 227 9.40 -1.83 -9.87
CA ASN A 227 8.24 -1.82 -8.99
C ASN A 227 8.33 -3.04 -8.09
N PRO A 228 8.19 -2.87 -6.77
CA PRO A 228 7.95 -1.64 -6.03
C PRO A 228 9.04 -0.57 -6.09
N HIS A 229 8.67 0.64 -5.67
CA HIS A 229 9.57 1.79 -5.49
C HIS A 229 10.24 2.35 -6.74
N PRO A 230 9.43 2.74 -7.74
CA PRO A 230 10.00 3.36 -8.92
C PRO A 230 10.61 4.71 -8.59
N ASN A 231 11.52 5.15 -9.45
CA ASN A 231 12.21 6.40 -9.23
C ASN A 231 11.45 7.60 -9.72
N TYR A 232 11.59 8.68 -8.96
CA TYR A 232 11.00 9.98 -9.27
C TYR A 232 12.11 11.01 -9.33
N LEU A 233 11.75 12.27 -9.58
CA LEU A 233 12.72 13.32 -9.75
C LEU A 233 12.15 14.69 -9.46
N VAL A 234 12.84 15.47 -8.63
CA VAL A 234 12.47 16.88 -8.44
C VAL A 234 12.74 17.62 -9.75
N GLY A 235 11.67 18.17 -10.34
CA GLY A 235 11.77 18.90 -11.61
C GLY A 235 11.21 18.18 -12.82
N GLY A 236 10.79 16.92 -12.66
CA GLY A 236 10.26 16.17 -13.79
C GLY A 236 10.39 14.68 -13.61
N VAL A 237 10.85 13.99 -14.66
CA VAL A 237 11.05 12.55 -14.60
C VAL A 237 12.41 12.19 -15.19
N PRO A 238 13.01 11.09 -14.70
CA PRO A 238 14.32 10.68 -15.23
C PRO A 238 14.25 9.98 -16.59
N CYS A 239 13.10 9.47 -16.97
CA CYS A 239 12.98 8.68 -18.20
C CYS A 239 12.95 9.53 -19.47
N ALA A 240 14.12 9.97 -19.89
CA ALA A 240 14.30 10.84 -21.05
C ALA A 240 13.80 10.18 -22.34
N ILE A 241 13.36 11.00 -23.30
CA ILE A 241 12.66 10.54 -24.48
C ILE A 241 13.47 10.72 -25.76
N ASN A 242 13.44 9.71 -26.61
CA ASN A 242 14.03 9.80 -27.95
C ASN A 242 13.39 8.73 -28.81
N LEU A 243 12.73 9.16 -29.88
CA LEU A 243 12.04 8.24 -30.78
C LEU A 243 13.04 7.69 -31.78
N ASP A 244 13.71 8.60 -32.48
CA ASP A 244 14.83 8.27 -33.32
C ASP A 244 15.57 9.56 -33.66
N GLY A 245 16.72 9.75 -33.01
CA GLY A 245 17.50 10.97 -33.15
C GLY A 245 18.51 11.16 -32.03
N ALA A 249 16.57 3.53 -29.29
CA ALA A 249 16.85 2.31 -28.55
C ALA A 249 17.78 2.57 -27.35
N SER A 250 18.45 3.72 -27.35
CA SER A 250 19.40 4.08 -26.31
C SER A 250 18.80 4.95 -25.19
N ALA A 251 17.59 5.50 -25.41
CA ALA A 251 16.93 6.33 -24.40
C ALA A 251 15.88 5.54 -23.59
N PRO A 252 15.64 5.97 -22.34
CA PRO A 252 14.59 5.36 -21.51
C PRO A 252 13.23 5.23 -22.19
N VAL A 253 12.78 6.27 -22.87
CA VAL A 253 11.47 6.24 -23.51
C VAL A 253 11.57 6.44 -25.02
N ASN A 254 11.03 5.47 -25.76
CA ASN A 254 10.91 5.54 -27.20
C ASN A 254 9.51 5.04 -27.57
N MET A 255 9.16 5.03 -28.85
CA MET A 255 7.83 4.64 -29.26
CA MET A 255 7.83 4.64 -29.26
C MET A 255 7.51 3.20 -28.86
N GLU A 256 8.49 2.31 -29.00
CA GLU A 256 8.27 0.91 -28.66
C GLU A 256 7.88 0.77 -27.19
N ARG A 257 8.59 1.47 -26.32
CA ARG A 257 8.29 1.45 -24.89
C ARG A 257 6.90 1.99 -24.61
N LEU A 258 6.50 3.03 -25.33
CA LEU A 258 5.18 3.62 -25.14
C LEU A 258 4.07 2.70 -25.65
N SER A 259 4.31 2.01 -26.75
CA SER A 259 3.37 1.00 -27.25
C SER A 259 3.14 -0.10 -26.20
N PHE A 260 4.22 -0.52 -25.53
CA PHE A 260 4.16 -1.50 -24.47
C PHE A 260 3.26 -1.00 -23.34
N VAL A 261 3.49 0.25 -22.94
CA VAL A 261 2.69 0.88 -21.90
C VAL A 261 1.19 0.85 -22.30
N LYS A 262 0.92 1.16 -23.56
CA LYS A 262 -0.44 1.22 -24.08
C LYS A 262 -1.13 -0.13 -24.00
N ALA A 263 -0.41 -1.18 -24.37
CA ALA A 263 -0.92 -2.55 -24.33
C ALA A 263 -1.29 -2.96 -22.90
N ARG A 264 -0.50 -2.52 -21.91
CA ARG A 264 -0.78 -2.81 -20.52
C ARG A 264 -2.02 -2.04 -20.04
N ILE A 265 -2.14 -0.78 -20.47
CA ILE A 265 -3.30 0.04 -20.14
C ILE A 265 -4.59 -0.59 -20.68
N ASP A 266 -4.52 -1.06 -21.92
CA ASP A 266 -5.69 -1.70 -22.55
C ASP A 266 -6.10 -2.95 -21.79
N GLU A 267 -5.13 -3.76 -21.34
CA GLU A 267 -5.42 -4.93 -20.51
C GLU A 267 -6.06 -4.54 -19.18
N ILE A 268 -5.59 -3.46 -18.57
CA ILE A 268 -6.17 -2.97 -17.32
C ILE A 268 -7.64 -2.63 -17.47
N ILE A 269 -7.95 -1.88 -18.53
CA ILE A 269 -9.30 -1.45 -18.81
C ILE A 269 -10.22 -2.66 -18.93
N GLU A 270 -9.71 -3.72 -19.54
CA GLU A 270 -10.45 -4.97 -19.71
C GLU A 270 -10.70 -5.68 -18.38
N PHE A 271 -9.66 -5.79 -17.57
CA PHE A 271 -9.82 -6.42 -16.26
C PHE A 271 -10.83 -5.66 -15.40
N ASN A 272 -10.70 -4.33 -15.36
CA ASN A 272 -11.61 -3.50 -14.55
C ASN A 272 -13.07 -3.68 -14.95
N LYS A 273 -13.35 -3.66 -16.24
CA LYS A 273 -14.72 -3.67 -16.70
C LYS A 273 -15.32 -5.08 -16.79
N ASN A 274 -14.48 -6.10 -17.00
CA ASN A 274 -14.94 -7.48 -17.14
C ASN A 274 -14.88 -8.32 -15.86
N VAL A 275 -14.01 -7.96 -14.92
CA VAL A 275 -13.77 -8.82 -13.77
C VAL A 275 -14.04 -8.11 -12.44
N TYR A 276 -13.31 -7.03 -12.22
CA TYR A 276 -13.33 -6.35 -10.91
C TYR A 276 -14.67 -5.67 -10.60
N VAL A 277 -15.10 -4.79 -11.49
CA VAL A 277 -16.34 -4.04 -11.25
C VAL A 277 -17.58 -4.97 -11.20
N PRO A 278 -17.69 -5.93 -12.14
CA PRO A 278 -18.80 -6.86 -12.06
C PRO A 278 -18.83 -7.69 -10.77
N ASP A 279 -17.68 -8.20 -10.33
CA ASP A 279 -17.65 -9.01 -9.11
C ASP A 279 -18.14 -8.22 -7.92
N VAL A 280 -17.65 -6.99 -7.78
CA VAL A 280 -18.02 -6.14 -6.66
C VAL A 280 -19.48 -5.77 -6.72
N LEU A 281 -19.98 -5.50 -7.92
CA LEU A 281 -21.42 -5.25 -8.12
C LEU A 281 -22.26 -6.46 -7.71
N ALA A 282 -21.81 -7.64 -8.11
CA ALA A 282 -22.52 -8.89 -7.83
C ALA A 282 -22.47 -9.20 -6.35
N ILE A 283 -21.27 -9.26 -5.79
CA ILE A 283 -21.09 -9.54 -4.37
C ILE A 283 -21.86 -8.51 -3.53
N GLY A 284 -21.76 -7.24 -3.91
CA GLY A 284 -22.47 -6.17 -3.23
C GLY A 284 -23.98 -6.36 -3.26
N THR A 285 -24.50 -6.75 -4.41
CA THR A 285 -25.93 -7.03 -4.54
C THR A 285 -26.39 -8.08 -3.53
N LEU A 286 -25.63 -9.16 -3.43
CA LEU A 286 -26.01 -10.28 -2.59
C LEU A 286 -25.94 -9.95 -1.10
N TYR A 287 -24.91 -9.21 -0.69
CA TYR A 287 -24.82 -8.77 0.70
C TYR A 287 -25.85 -7.67 1.02
N LYS A 288 -26.20 -6.87 0.01
CA LYS A 288 -27.32 -5.94 0.15
C LYS A 288 -28.64 -6.69 0.35
N GLN A 289 -28.80 -7.80 -0.36
CA GLN A 289 -30.01 -8.60 -0.26
C GLN A 289 -30.12 -9.22 1.13
N ALA A 290 -28.99 -9.61 1.69
CA ALA A 290 -28.92 -10.12 3.05
C ALA A 290 -29.13 -9.03 4.12
N GLY A 291 -29.18 -7.77 3.70
CA GLY A 291 -29.40 -6.65 4.62
C GLY A 291 -28.14 -6.12 5.30
N TRP A 292 -26.96 -6.52 4.82
CA TRP A 292 -25.72 -6.07 5.46
C TRP A 292 -25.26 -4.70 4.92
N LEU A 293 -25.96 -3.65 5.36
CA LEU A 293 -25.65 -2.27 4.95
CA LEU A 293 -25.64 -2.26 4.95
C LEU A 293 -24.91 -1.50 6.06
N TYR A 294 -24.27 -2.23 6.96
CA TYR A 294 -23.50 -1.63 8.05
C TYR A 294 -22.19 -1.01 7.57
N GLY A 295 -21.57 -0.25 8.47
CA GLY A 295 -20.22 0.26 8.24
C GLY A 295 -20.07 1.64 7.62
N GLY A 296 -21.15 2.40 7.55
CA GLY A 296 -21.09 3.73 6.95
C GLY A 296 -20.21 4.71 7.72
N GLY A 297 -20.24 4.61 9.05
CA GLY A 297 -19.45 5.47 9.91
C GLY A 297 -19.57 6.93 9.55
N LEU A 298 -18.43 7.60 9.34
CA LEU A 298 -18.43 9.03 9.01
C LEU A 298 -18.84 9.32 7.56
N ALA A 299 -18.86 8.31 6.70
CA ALA A 299 -19.19 8.55 5.29
C ALA A 299 -20.58 9.20 5.17
N ALA A 300 -21.47 8.89 6.11
CA ALA A 300 -22.81 9.45 6.17
C ALA A 300 -22.82 10.94 6.46
N THR A 301 -21.77 11.48 7.08
CA THR A 301 -21.74 12.90 7.42
C THR A 301 -20.60 13.65 6.76
N ASN A 302 -19.38 13.26 7.11
CA ASN A 302 -18.20 14.08 6.87
C ASN A 302 -17.16 13.39 5.99
N VAL A 303 -16.92 13.92 4.79
CA VAL A 303 -15.94 13.33 3.88
C VAL A 303 -15.04 14.41 3.28
N LEU A 304 -13.80 14.05 2.97
CA LEU A 304 -12.80 14.99 2.47
C LEU A 304 -11.84 14.37 1.45
N ASP A 305 -11.44 15.17 0.48
CA ASP A 305 -10.30 14.87 -0.39
C ASP A 305 -9.74 16.19 -0.90
N TYR A 306 -8.46 16.23 -1.21
CA TYR A 306 -7.85 17.47 -1.73
C TYR A 306 -8.24 17.74 -3.19
N GLY A 307 -8.68 16.71 -3.91
CA GLY A 307 -9.05 16.85 -5.33
C GLY A 307 -7.84 16.58 -6.21
N GLU A 308 -8.04 15.89 -7.33
CA GLU A 308 -6.92 15.37 -8.09
C GLU A 308 -7.23 15.18 -9.57
N TYR A 309 -6.16 15.05 -10.35
CA TYR A 309 -6.20 14.69 -11.77
C TYR A 309 -6.78 15.80 -12.65
N PRO A 310 -6.16 16.98 -12.63
CA PRO A 310 -6.62 18.07 -13.47
C PRO A 310 -6.30 17.77 -14.91
N ASN A 311 -7.25 17.91 -15.82
CA ASN A 311 -6.96 17.61 -17.23
C ASN A 311 -6.12 18.71 -17.89
N VAL A 312 -5.98 19.86 -17.22
CA VAL A 312 -4.94 20.83 -17.56
C VAL A 312 -4.05 21.05 -16.34
N ALA A 313 -2.75 20.86 -16.53
CA ALA A 313 -1.77 20.90 -15.44
C ALA A 313 -1.83 22.21 -14.67
N TYR A 314 -1.65 22.11 -13.36
CA TYR A 314 -1.63 23.26 -12.43
C TYR A 314 -2.93 24.09 -12.32
N ASN A 315 -4.04 23.57 -12.84
CA ASN A 315 -5.33 24.24 -12.73
C ASN A 315 -6.35 23.36 -12.01
N LYS A 316 -6.50 23.57 -10.71
CA LYS A 316 -7.36 22.72 -9.87
C LYS A 316 -8.84 22.71 -10.26
N SER A 317 -9.31 23.76 -10.91
CA SER A 317 -10.71 23.79 -11.34
C SER A 317 -11.02 22.67 -12.33
N THR A 318 -9.99 22.13 -12.98
CA THR A 318 -10.17 21.03 -13.94
C THR A 318 -9.92 19.62 -13.37
N ASP A 319 -9.76 19.51 -12.05
CA ASP A 319 -9.69 18.21 -11.37
C ASP A 319 -10.80 17.23 -11.77
N GLN A 320 -10.41 16.04 -12.22
CA GLN A 320 -11.34 15.04 -12.70
C GLN A 320 -11.89 14.17 -11.56
N LEU A 321 -11.21 14.20 -10.42
CA LEU A 321 -11.80 13.81 -9.14
C LEU A 321 -11.75 15.03 -8.24
N PRO A 322 -12.74 15.93 -8.39
CA PRO A 322 -12.73 17.21 -7.67
C PRO A 322 -13.05 17.03 -6.20
N GLY A 323 -12.33 17.76 -5.37
CA GLY A 323 -12.33 17.53 -3.94
C GLY A 323 -13.01 18.63 -3.19
N GLY A 324 -12.60 18.80 -1.95
CA GLY A 324 -13.28 19.67 -1.01
C GLY A 324 -13.72 18.87 0.19
N ALA A 325 -14.65 19.44 0.95
CA ALA A 325 -15.15 18.82 2.17
C ALA A 325 -16.66 18.93 2.24
N ILE A 326 -17.29 17.86 2.72
CA ILE A 326 -18.72 17.85 2.95
C ILE A 326 -18.92 17.64 4.44
N LEU A 327 -19.87 18.37 5.02
CA LEU A 327 -20.19 18.25 6.44
C LEU A 327 -21.67 17.88 6.63
N ASN A 328 -21.92 17.11 7.69
CA ASN A 328 -23.27 16.85 8.19
C ASN A 328 -24.23 16.19 7.18
N GLY A 329 -23.67 15.50 6.20
CA GLY A 329 -24.46 14.81 5.18
C GLY A 329 -25.11 15.73 4.17
N ASN A 330 -24.63 16.97 4.11
CA ASN A 330 -25.18 17.94 3.16
C ASN A 330 -24.40 17.88 1.85
N TRP A 331 -24.93 17.10 0.90
CA TRP A 331 -24.23 16.90 -0.37
C TRP A 331 -24.47 18.05 -1.35
N ASP A 332 -25.22 19.07 -0.94
CA ASP A 332 -25.46 20.27 -1.77
C ASP A 332 -24.43 21.38 -1.56
N GLU A 333 -23.51 21.20 -0.61
CA GLU A 333 -22.52 22.23 -0.31
C GLU A 333 -21.15 21.62 -0.08
N VAL A 334 -20.26 21.81 -1.05
CA VAL A 334 -18.88 21.37 -0.93
C VAL A 334 -17.99 22.54 -0.54
N PHE A 335 -17.38 22.47 0.63
CA PHE A 335 -16.46 23.50 1.09
C PHE A 335 -15.09 23.29 0.44
N PRO A 336 -14.46 24.38 -0.01
CA PRO A 336 -13.13 24.24 -0.59
C PRO A 336 -12.10 23.95 0.49
N VAL A 337 -11.13 23.11 0.16
CA VAL A 337 -10.12 22.70 1.13
C VAL A 337 -8.77 23.22 0.66
N ASP A 338 -8.11 23.97 1.55
CA ASP A 338 -6.83 24.58 1.25
C ASP A 338 -5.78 23.99 2.18
N PRO A 339 -4.82 23.22 1.62
CA PRO A 339 -3.80 22.62 2.47
C PRO A 339 -2.78 23.61 3.05
N ARG A 340 -2.80 24.86 2.57
CA ARG A 340 -1.87 25.90 3.05
CA ARG A 340 -1.88 25.90 3.04
C ARG A 340 -2.44 26.63 4.27
N ASP A 341 -3.75 26.52 4.47
CA ASP A 341 -4.45 27.24 5.53
C ASP A 341 -4.23 26.61 6.90
N SER A 342 -3.57 27.35 7.78
CA SER A 342 -3.21 26.83 9.09
C SER A 342 -4.43 26.40 9.92
N GLN A 343 -5.60 26.91 9.58
CA GLN A 343 -6.79 26.65 10.37
C GLN A 343 -7.64 25.51 9.81
N GLN A 344 -7.19 24.90 8.72
CA GLN A 344 -7.94 23.79 8.11
C GLN A 344 -7.37 22.43 8.55
N VAL A 345 -6.32 21.95 7.90
CA VAL A 345 -5.75 20.64 8.27
C VAL A 345 -4.87 20.79 9.51
N GLN A 346 -5.23 20.09 10.58
CA GLN A 346 -4.50 20.12 11.83
C GLN A 346 -4.45 18.72 12.43
N GLU A 347 -3.34 18.40 13.09
CA GLU A 347 -3.21 17.11 13.73
C GLU A 347 -3.08 17.25 15.24
N PHE A 348 -3.88 16.48 15.98
CA PHE A 348 -3.79 16.43 17.43
C PHE A 348 -3.04 15.17 17.86
N VAL A 349 -2.52 15.17 19.10
CA VAL A 349 -1.88 13.99 19.66
C VAL A 349 -2.39 13.68 21.07
N SER A 350 -3.55 14.25 21.43
CA SER A 350 -4.17 14.05 22.74
C SER A 350 -4.23 12.56 23.11
N HIS A 351 -4.59 11.71 22.14
CA HIS A 351 -4.68 10.28 22.37
C HIS A 351 -3.68 9.50 21.49
N SER A 352 -2.58 10.15 21.12
CA SER A 352 -1.53 9.53 20.32
C SER A 352 -0.21 9.52 21.10
N TRP A 353 0.66 8.55 20.83
CA TRP A 353 1.94 8.41 21.54
C TRP A 353 3.01 9.39 21.04
N TYR A 354 2.67 10.68 21.12
CA TYR A 354 3.56 11.79 20.81
C TYR A 354 3.34 12.89 21.82
N LYS A 355 4.18 13.92 21.80
CA LYS A 355 3.99 15.06 22.70
C LYS A 355 4.15 16.39 21.97
N TYR A 356 3.25 17.30 22.32
CA TYR A 356 3.33 18.69 21.91
C TYR A 356 3.61 19.57 23.14
N ALA A 357 4.02 20.81 22.88
CA ALA A 357 4.11 21.83 23.92
C ALA A 357 2.73 22.17 24.49
N ASP A 358 1.68 21.98 23.70
CA ASP A 358 0.30 22.15 24.16
C ASP A 358 -0.57 21.15 23.41
N GLU A 359 -1.09 20.14 24.11
CA GLU A 359 -1.82 19.07 23.45
C GLU A 359 -3.32 19.29 23.36
N SER A 360 -3.76 20.48 23.74
CA SER A 360 -5.16 20.86 23.59
CA SER A 360 -5.16 20.86 23.60
C SER A 360 -5.43 21.42 22.19
N VAL A 361 -4.36 21.66 21.42
CA VAL A 361 -4.49 22.21 20.08
C VAL A 361 -3.96 21.25 19.03
N GLY A 362 -4.42 21.45 17.80
CA GLY A 362 -3.94 20.72 16.64
C GLY A 362 -2.93 21.57 15.89
N LEU A 363 -1.92 20.93 15.33
CA LEU A 363 -0.89 21.65 14.57
C LEU A 363 -1.03 21.42 13.08
N HIS A 364 -1.02 22.50 12.31
CA HIS A 364 -0.94 22.43 10.86
C HIS A 364 0.45 21.90 10.53
N PRO A 365 0.56 21.06 9.49
CA PRO A 365 1.80 20.29 9.28
C PRO A 365 3.07 21.11 9.00
N TRP A 366 2.96 22.33 8.48
CA TRP A 366 4.14 23.20 8.38
C TRP A 366 4.71 23.52 9.77
N ASP A 367 3.87 23.40 10.79
CA ASP A 367 4.26 23.61 12.19
C ASP A 367 4.23 22.29 12.97
N GLY A 368 4.22 21.17 12.25
CA GLY A 368 4.09 19.85 12.85
C GLY A 368 5.29 19.46 13.68
N VAL A 369 5.05 18.59 14.65
CA VAL A 369 6.07 18.14 15.60
C VAL A 369 5.87 16.65 15.83
N THR A 370 6.96 15.90 15.79
CA THR A 370 6.91 14.45 15.94
C THR A 370 7.96 13.99 16.93
N GLU A 371 7.59 14.04 18.21
CA GLU A 371 8.44 13.56 19.29
C GLU A 371 7.69 12.41 19.93
N PRO A 372 8.25 11.19 19.85
CA PRO A 372 7.54 10.02 20.34
C PRO A 372 7.29 10.09 21.84
N ASN A 373 6.17 9.52 22.28
CA ASN A 373 5.86 9.48 23.71
C ASN A 373 5.00 8.25 24.01
N TYR A 374 5.66 7.09 24.08
CA TYR A 374 5.00 5.85 24.38
C TYR A 374 4.65 5.79 25.86
N VAL A 375 3.39 6.02 26.19
CA VAL A 375 2.94 5.97 27.59
C VAL A 375 1.52 5.46 27.62
N LEU A 376 1.22 4.57 28.56
CA LEU A 376 -0.09 3.94 28.66
C LEU A 376 -0.88 4.49 29.84
N GLY A 377 -2.20 4.50 29.72
CA GLY A 377 -3.06 5.08 30.74
C GLY A 377 -3.19 4.21 31.97
N ALA A 378 -3.69 4.79 33.05
CA ALA A 378 -3.79 4.09 34.33
C ALA A 378 -4.84 2.98 34.33
N ASN A 379 -5.75 3.01 33.38
CA ASN A 379 -6.78 1.96 33.30
C ASN A 379 -6.39 0.82 32.37
N THR A 380 -5.14 0.85 31.90
CA THR A 380 -4.62 -0.22 31.07
C THR A 380 -4.62 -1.54 31.84
N LYS A 381 -5.06 -2.60 31.19
CA LYS A 381 -4.93 -3.94 31.75
C LYS A 381 -3.76 -4.61 31.05
N GLY A 382 -2.84 -5.14 31.85
CA GLY A 382 -1.54 -5.62 31.37
C GLY A 382 -0.44 -4.65 31.77
N THR A 383 0.68 -4.71 31.05
CA THR A 383 1.87 -3.91 31.34
C THR A 383 2.31 -3.14 30.10
N ARG A 384 3.36 -2.33 30.26
CA ARG A 384 3.90 -1.55 29.13
C ARG A 384 4.34 -2.42 27.94
N THR A 385 4.82 -3.63 28.22
CA THR A 385 5.31 -4.53 27.16
CA THR A 385 5.31 -4.53 27.17
C THR A 385 4.42 -5.76 26.98
N ARG A 386 3.25 -5.76 27.61
CA ARG A 386 2.30 -6.87 27.45
C ARG A 386 0.89 -6.37 27.73
N ILE A 387 0.26 -5.84 26.67
CA ILE A 387 -1.03 -5.19 26.80
C ILE A 387 -2.14 -6.20 26.62
N GLU A 388 -3.10 -6.19 27.54
CA GLU A 388 -4.27 -7.03 27.45
C GLU A 388 -5.48 -6.20 27.02
N GLN A 389 -5.62 -5.03 27.62
CA GLN A 389 -6.69 -4.11 27.26
C GLN A 389 -6.15 -2.67 27.22
N ILE A 390 -6.05 -2.12 26.01
CA ILE A 390 -5.60 -0.75 25.81
C ILE A 390 -6.59 0.23 26.46
N ASP A 391 -6.05 1.28 27.05
CA ASP A 391 -6.84 2.31 27.71
C ASP A 391 -7.05 3.49 26.77
N GLU A 392 -8.21 3.51 26.11
CA GLU A 392 -8.51 4.53 25.09
C GLU A 392 -8.83 5.91 25.68
N SER A 393 -8.89 6.02 27.00
CA SER A 393 -9.14 7.30 27.66
CA SER A 393 -9.14 7.30 27.67
C SER A 393 -7.88 8.17 27.68
N ALA A 394 -6.74 7.57 27.35
CA ALA A 394 -5.46 8.28 27.32
C ALA A 394 -4.84 8.07 25.94
N LYS A 395 -3.52 7.91 25.86
CA LYS A 395 -2.82 7.74 24.57
C LYS A 395 -2.80 6.29 24.14
N TYR A 396 -3.30 6.00 22.94
CA TYR A 396 -3.53 4.61 22.55
C TYR A 396 -3.17 4.26 21.12
N SER A 397 -2.36 5.07 20.46
CA SER A 397 -2.00 4.81 19.06
C SER A 397 -0.76 5.56 18.57
N TRP A 398 -0.04 4.94 17.63
CA TRP A 398 1.06 5.61 16.93
C TRP A 398 0.57 6.51 15.82
N ILE A 399 -0.75 6.53 15.60
CA ILE A 399 -1.35 7.39 14.58
C ILE A 399 -1.74 8.71 15.24
N LYS A 400 -1.36 9.82 14.60
CA LYS A 400 -1.86 11.14 14.97
C LYS A 400 -3.35 11.31 14.60
N SER A 401 -3.95 12.41 15.02
CA SER A 401 -5.38 12.64 14.82
C SER A 401 -5.62 13.85 13.93
N PRO A 402 -5.63 13.65 12.60
CA PRO A 402 -5.89 14.79 11.73
C PRO A 402 -7.37 15.17 11.72
N ARG A 403 -7.65 16.47 11.69
CA ARG A 403 -9.01 16.97 11.57
C ARG A 403 -9.00 18.13 10.57
N TRP A 404 -10.19 18.50 10.10
CA TRP A 404 -10.35 19.61 9.19
C TRP A 404 -11.29 20.64 9.79
N ARG A 405 -10.74 21.82 10.10
CA ARG A 405 -11.43 22.83 10.89
C ARG A 405 -12.05 22.17 12.12
N GLY A 406 -11.31 21.26 12.74
CA GLY A 406 -11.77 20.58 13.95
C GLY A 406 -12.71 19.40 13.74
N HIS A 407 -13.15 19.18 12.49
CA HIS A 407 -14.09 18.10 12.20
C HIS A 407 -13.35 16.80 11.86
N ALA A 408 -13.91 15.68 12.30
CA ALA A 408 -13.40 14.37 11.92
C ALA A 408 -13.99 13.96 10.57
N MET A 409 -13.12 13.57 9.64
CA MET A 409 -13.50 13.26 8.26
C MET A 409 -13.12 11.83 7.85
N GLU A 410 -13.92 11.22 6.98
CA GLU A 410 -13.51 10.02 6.27
C GLU A 410 -12.86 10.42 4.96
N VAL A 411 -11.78 9.75 4.61
CA VAL A 411 -11.12 9.96 3.33
C VAL A 411 -11.06 8.63 2.58
N GLY A 412 -10.77 8.69 1.28
CA GLY A 412 -10.70 7.50 0.46
C GLY A 412 -11.52 7.60 -0.81
N PRO A 413 -11.57 6.50 -1.59
CA PRO A 413 -12.34 6.48 -2.82
C PRO A 413 -13.81 6.82 -2.62
N LEU A 414 -14.40 6.39 -1.51
CA LEU A 414 -15.82 6.66 -1.26
C LEU A 414 -16.02 8.15 -1.09
N SER A 415 -15.12 8.78 -0.33
CA SER A 415 -15.18 10.22 -0.11
C SER A 415 -15.06 10.95 -1.41
N ARG A 416 -14.15 10.49 -2.26
CA ARG A 416 -13.97 11.09 -3.58
C ARG A 416 -15.19 10.91 -4.48
N TYR A 417 -15.83 9.74 -4.42
CA TYR A 417 -17.02 9.52 -5.24
C TYR A 417 -18.25 10.26 -4.73
N ILE A 418 -18.33 10.48 -3.42
CA ILE A 418 -19.41 11.28 -2.86
C ILE A 418 -19.19 12.75 -3.23
N LEU A 419 -17.93 13.18 -3.12
CA LEU A 419 -17.55 14.54 -3.51
C LEU A 419 -17.78 14.77 -5.00
N ALA A 420 -17.49 13.76 -5.81
CA ALA A 420 -17.69 13.89 -7.25
C ALA A 420 -19.17 13.98 -7.60
N TYR A 421 -19.99 13.22 -6.88
CA TYR A 421 -21.42 13.24 -7.08
C TYR A 421 -21.98 14.63 -6.79
N ALA A 422 -21.64 15.15 -5.61
CA ALA A 422 -22.02 16.50 -5.19
C ALA A 422 -21.60 17.55 -6.21
N HIS A 423 -20.33 17.51 -6.61
CA HIS A 423 -19.80 18.45 -7.59
C HIS A 423 -20.61 18.39 -8.89
N ALA A 424 -20.87 17.18 -9.36
CA ALA A 424 -21.63 17.00 -10.62
C ALA A 424 -23.04 17.57 -10.53
N ARG A 425 -23.68 17.44 -9.36
CA ARG A 425 -25.02 17.99 -9.17
CA ARG A 425 -25.02 17.99 -9.17
C ARG A 425 -24.98 19.52 -9.07
N SER A 426 -23.82 20.06 -8.70
CA SER A 426 -23.62 21.50 -8.63
C SER A 426 -23.33 22.13 -10.00
N GLY A 427 -23.11 21.30 -11.02
CA GLY A 427 -22.84 21.77 -12.37
C GLY A 427 -21.43 21.48 -12.87
N ASN A 428 -20.60 20.88 -12.01
CA ASN A 428 -19.23 20.53 -12.39
C ASN A 428 -19.18 19.40 -13.42
N LYS A 429 -18.77 19.73 -14.64
CA LYS A 429 -18.77 18.75 -15.75
C LYS A 429 -17.59 17.78 -15.72
N TYR A 430 -16.54 18.13 -14.98
CA TYR A 430 -15.35 17.28 -14.92
C TYR A 430 -15.59 15.99 -14.12
N ALA A 431 -16.71 15.94 -13.39
CA ALA A 431 -17.08 14.78 -12.58
C ALA A 431 -18.20 13.94 -13.21
N GLU A 432 -18.46 14.11 -14.52
CA GLU A 432 -19.58 13.40 -15.15
C GLU A 432 -19.40 11.89 -15.09
N ARG A 433 -18.17 11.42 -15.30
CA ARG A 433 -17.96 9.98 -15.38
C ARG A 433 -18.22 9.26 -14.05
N PRO A 434 -17.67 9.77 -12.93
CA PRO A 434 -18.02 9.15 -11.65
C PRO A 434 -19.51 9.15 -11.36
N LYS A 435 -20.18 10.26 -11.68
CA LYS A 435 -21.63 10.32 -11.49
C LYS A 435 -22.34 9.23 -12.27
N GLU A 436 -21.97 9.06 -13.53
CA GLU A 436 -22.62 8.05 -14.37
C GLU A 436 -22.26 6.63 -13.90
N GLN A 437 -21.04 6.45 -13.41
CA GLN A 437 -20.64 5.19 -12.80
C GLN A 437 -21.54 4.83 -11.61
N LEU A 438 -21.79 5.82 -10.75
CA LEU A 438 -22.56 5.58 -9.52
C LEU A 438 -24.02 5.25 -9.82
N GLU A 439 -24.62 6.00 -10.75
CA GLU A 439 -26.01 5.76 -11.13
C GLU A 439 -26.16 4.43 -11.84
N TYR A 440 -25.23 4.12 -12.74
CA TYR A 440 -25.20 2.80 -13.37
C TYR A 440 -25.06 1.68 -12.33
N SER A 441 -24.20 1.89 -11.34
CA SER A 441 -23.96 0.89 -10.30
C SER A 441 -25.18 0.70 -9.39
N ALA A 442 -25.84 1.79 -9.04
CA ALA A 442 -27.02 1.76 -8.19
C ALA A 442 -28.13 0.97 -8.87
N GLN A 443 -28.28 1.21 -10.17
CA GLN A 443 -29.29 0.55 -11.00
C GLN A 443 -28.99 -0.94 -11.15
N MET A 444 -27.71 -1.30 -11.25
CA MET A 444 -27.31 -2.70 -11.27
C MET A 444 -27.57 -3.39 -9.93
N ILE A 445 -27.22 -2.72 -8.83
CA ILE A 445 -27.35 -3.26 -7.48
CA ILE A 445 -27.35 -3.30 -7.49
C ILE A 445 -28.82 -3.41 -7.06
N ASN A 446 -29.62 -2.41 -7.44
CA ASN A 446 -31.04 -2.36 -7.08
C ASN A 446 -31.96 -3.19 -7.95
N SER A 447 -31.71 -3.22 -9.26
CA SER A 447 -32.68 -3.75 -10.23
CA SER A 447 -32.68 -3.76 -10.22
C SER A 447 -32.14 -4.88 -11.11
N ALA A 448 -31.10 -4.57 -11.88
CA ALA A 448 -30.63 -5.50 -12.93
C ALA A 448 -30.07 -6.83 -12.42
N ILE A 449 -29.15 -6.77 -11.47
CA ILE A 449 -28.53 -7.99 -10.98
C ILE A 449 -29.52 -8.83 -10.14
N PRO A 450 -30.35 -8.15 -9.32
CA PRO A 450 -31.43 -8.88 -8.64
C PRO A 450 -32.40 -9.58 -9.60
N LYS A 451 -32.72 -8.92 -10.72
CA LYS A 451 -33.63 -9.50 -11.72
C LYS A 451 -33.00 -10.73 -12.37
N ALA A 452 -31.74 -10.61 -12.75
CA ALA A 452 -31.03 -11.70 -13.40
C ALA A 452 -30.86 -12.92 -12.48
N LEU A 453 -30.76 -12.69 -11.18
CA LEU A 453 -30.59 -13.78 -10.23
C LEU A 453 -31.92 -14.18 -9.58
N GLY A 454 -33.01 -13.54 -9.98
CA GLY A 454 -34.35 -13.88 -9.50
C GLY A 454 -34.61 -13.41 -8.08
N LEU A 455 -33.93 -12.34 -7.67
CA LEU A 455 -34.05 -11.77 -6.33
C LEU A 455 -34.97 -10.55 -6.37
N PRO A 456 -35.56 -10.18 -5.21
CA PRO A 456 -36.45 -9.02 -5.22
C PRO A 456 -35.70 -7.72 -5.51
N GLU A 457 -36.35 -6.81 -6.24
CA GLU A 457 -35.76 -5.50 -6.54
C GLU A 457 -35.80 -4.61 -5.32
N THR A 458 -34.81 -3.73 -5.19
CA THR A 458 -34.76 -2.77 -4.10
C THR A 458 -34.74 -1.37 -4.67
N GLN A 459 -34.90 -0.38 -3.79
CA GLN A 459 -35.02 1.02 -4.23
C GLN A 459 -34.15 1.97 -3.42
N TYR A 460 -32.99 1.51 -2.97
CA TYR A 460 -32.07 2.35 -2.23
C TYR A 460 -31.57 3.49 -3.10
N THR A 461 -31.52 4.69 -2.53
CA THR A 461 -30.91 5.85 -3.20
C THR A 461 -29.41 5.75 -2.99
N LEU A 462 -28.64 6.55 -3.73
CA LEU A 462 -27.20 6.59 -3.52
C LEU A 462 -26.88 7.08 -2.12
N LYS A 463 -27.68 8.02 -1.64
CA LYS A 463 -27.56 8.55 -0.28
C LYS A 463 -27.62 7.45 0.77
N GLN A 464 -28.49 6.47 0.57
CA GLN A 464 -28.66 5.39 1.53
C GLN A 464 -27.62 4.29 1.33
N LEU A 465 -27.20 4.12 0.08
CA LEU A 465 -26.38 2.98 -0.31
C LEU A 465 -24.89 3.21 -0.13
N LEU A 466 -24.43 4.42 -0.43
CA LEU A 466 -23.00 4.69 -0.46
C LEU A 466 -22.35 4.72 0.92
N PRO A 467 -23.00 5.36 1.91
CA PRO A 467 -22.45 5.32 3.27
C PRO A 467 -22.65 3.95 3.94
N SER A 468 -21.84 3.00 3.50
CA SER A 468 -21.91 1.61 3.94
C SER A 468 -20.61 0.93 3.54
N THR A 469 -20.30 -0.19 4.20
CA THR A 469 -19.09 -0.94 3.82
C THR A 469 -19.19 -1.45 2.37
N ILE A 470 -20.39 -1.81 1.93
CA ILE A 470 -20.62 -2.15 0.52
C ILE A 470 -20.31 -0.96 -0.39
N GLY A 471 -20.86 0.20 -0.06
CA GLY A 471 -20.63 1.40 -0.86
C GLY A 471 -19.16 1.74 -0.94
N ARG A 472 -18.47 1.63 0.20
CA ARG A 472 -17.04 1.91 0.29
C ARG A 472 -16.20 0.97 -0.57
N THR A 473 -16.64 -0.27 -0.65
CA THR A 473 -16.00 -1.28 -1.50
C THR A 473 -16.29 -0.99 -2.98
N LEU A 474 -17.53 -0.60 -3.26
CA LEU A 474 -17.98 -0.26 -4.60
C LEU A 474 -17.22 0.91 -5.16
N ALA A 475 -17.06 1.94 -4.35
CA ALA A 475 -16.40 3.18 -4.78
C ALA A 475 -14.96 2.93 -5.21
N ARG A 476 -14.29 2.00 -4.52
CA ARG A 476 -12.91 1.64 -4.82
C ARG A 476 -12.80 1.00 -6.20
N ALA A 477 -13.70 0.09 -6.51
CA ALA A 477 -13.73 -0.58 -7.80
C ALA A 477 -14.06 0.39 -8.93
N LEU A 478 -15.02 1.26 -8.69
CA LEU A 478 -15.37 2.28 -9.67
C LEU A 478 -14.19 3.22 -9.92
N GLU A 479 -13.47 3.56 -8.87
CA GLU A 479 -12.33 4.45 -9.01
C GLU A 479 -11.21 3.82 -9.82
N SER A 480 -10.97 2.53 -9.62
CA SER A 480 -10.01 1.80 -10.44
C SER A 480 -10.35 1.89 -11.92
N GLN A 481 -11.62 1.69 -12.24
CA GLN A 481 -12.09 1.76 -13.62
C GLN A 481 -11.85 3.14 -14.25
N TYR A 482 -12.25 4.17 -13.51
CA TYR A 482 -12.10 5.56 -13.95
C TYR A 482 -10.63 5.95 -14.17
N CYS A 483 -9.75 5.48 -13.28
CA CYS A 483 -8.32 5.73 -13.40
C CYS A 483 -7.74 5.07 -14.64
N GLY A 484 -8.19 3.85 -14.93
CA GLY A 484 -7.76 3.13 -16.13
C GLY A 484 -8.15 3.90 -17.39
N GLU A 485 -9.39 4.37 -17.41
CA GLU A 485 -9.90 5.19 -18.50
C GLU A 485 -9.13 6.50 -18.63
N MET A 486 -8.81 7.13 -17.50
CA MET A 486 -8.09 8.41 -17.57
C MET A 486 -6.68 8.26 -18.12
N MET A 487 -5.95 7.24 -17.72
CA MET A 487 -4.56 7.13 -18.19
C MET A 487 -4.50 6.69 -19.64
N HIS A 488 -5.59 6.08 -20.11
CA HIS A 488 -5.76 5.81 -21.53
C HIS A 488 -5.72 7.12 -22.31
N SER A 489 -6.40 8.13 -21.79
CA SER A 489 -6.38 9.46 -22.39
C SER A 489 -5.03 10.14 -22.20
N ASP A 490 -4.47 10.06 -20.99
CA ASP A 490 -3.14 10.63 -20.73
C ASP A 490 -2.10 10.09 -21.71
N TRP A 491 -2.15 8.78 -21.96
CA TRP A 491 -1.23 8.14 -22.91
C TRP A 491 -1.28 8.79 -24.29
N HIS A 492 -2.48 9.03 -24.80
CA HIS A 492 -2.62 9.70 -26.10
C HIS A 492 -2.10 11.11 -26.09
N ASP A 493 -2.37 11.84 -25.01
CA ASP A 493 -1.91 13.22 -24.90
C ASP A 493 -0.39 13.27 -24.88
N LEU A 494 0.22 12.32 -24.18
CA LEU A 494 1.68 12.19 -24.09
C LEU A 494 2.30 11.95 -25.48
N VAL A 495 1.78 10.94 -26.18
CA VAL A 495 2.31 10.59 -27.49
C VAL A 495 2.09 11.75 -28.47
N ALA A 496 0.92 12.39 -28.40
CA ALA A 496 0.66 13.56 -29.23
C ALA A 496 1.65 14.69 -28.97
N ASN A 497 1.92 14.97 -27.69
CA ASN A 497 2.83 16.04 -27.34
C ASN A 497 4.26 15.79 -27.85
N ILE A 498 4.72 14.55 -27.71
CA ILE A 498 6.04 14.17 -28.16
C ILE A 498 6.16 14.28 -29.68
N ARG A 499 5.12 13.85 -30.39
CA ARG A 499 5.13 13.89 -31.85
C ARG A 499 5.09 15.32 -32.40
N ALA A 500 4.51 16.23 -31.63
CA ALA A 500 4.46 17.65 -32.00
C ALA A 500 5.83 18.31 -31.84
N GLY A 501 6.77 17.62 -31.18
CA GLY A 501 8.16 18.10 -31.07
C GLY A 501 8.66 18.34 -29.66
N ASP A 502 7.77 18.29 -28.67
CA ASP A 502 8.16 18.49 -27.27
C ASP A 502 8.62 17.17 -26.64
N THR A 503 9.93 16.99 -26.52
CA THR A 503 10.48 15.80 -25.88
C THR A 503 10.96 16.06 -24.44
N ALA A 504 10.68 17.24 -23.91
CA ALA A 504 11.22 17.64 -22.61
C ALA A 504 10.63 16.81 -21.49
N THR A 505 11.49 16.38 -20.54
CA THR A 505 11.08 15.60 -19.38
C THR A 505 11.54 16.13 -18.02
N ALA A 506 12.44 17.12 -18.02
CA ALA A 506 12.83 17.73 -16.74
C ALA A 506 13.14 19.21 -16.88
N ASN A 507 12.70 19.97 -15.88
CA ASN A 507 13.07 21.36 -15.73
C ASN A 507 14.13 21.42 -14.64
N VAL A 508 15.34 21.79 -15.05
CA VAL A 508 16.51 21.74 -14.17
C VAL A 508 17.01 23.13 -13.79
N ASP A 509 16.23 24.17 -14.12
CA ASP A 509 16.61 25.54 -13.82
C ASP A 509 16.99 25.72 -12.36
N LYS A 510 16.24 25.07 -11.47
CA LYS A 510 16.42 25.22 -10.03
CA LYS A 510 16.43 25.23 -10.03
C LYS A 510 16.83 23.92 -9.35
N TRP A 511 17.51 23.05 -10.10
CA TRP A 511 18.03 21.81 -9.56
C TRP A 511 19.15 22.05 -8.56
N ASP A 512 20.10 22.92 -8.91
CA ASP A 512 21.20 23.26 -8.03
C ASP A 512 20.73 24.17 -6.89
N PRO A 513 21.04 23.79 -5.63
CA PRO A 513 20.59 24.55 -4.46
C PRO A 513 21.08 26.00 -4.38
N ALA A 514 22.12 26.34 -5.13
CA ALA A 514 22.61 27.72 -5.19
C ALA A 514 21.58 28.66 -5.79
N THR A 515 20.64 28.12 -6.57
CA THR A 515 19.56 28.91 -7.15
C THR A 515 18.34 29.03 -6.23
N TRP A 516 18.37 28.37 -5.08
CA TRP A 516 17.19 28.31 -4.23
C TRP A 516 17.11 29.51 -3.31
N PRO A 517 15.90 29.89 -2.90
CA PRO A 517 15.79 30.83 -1.78
C PRO A 517 16.30 30.18 -0.52
N LEU A 518 16.96 30.95 0.34
CA LEU A 518 17.59 30.39 1.53
C LEU A 518 16.55 29.85 2.51
N GLN A 519 15.29 30.25 2.32
CA GLN A 519 14.20 29.77 3.16
C GLN A 519 12.96 29.63 2.30
N ALA A 520 12.22 28.54 2.47
CA ALA A 520 11.02 28.30 1.69
C ALA A 520 10.16 27.19 2.29
N LYS A 521 8.87 27.24 1.99
CA LYS A 521 7.94 26.19 2.39
CA LYS A 521 7.95 26.18 2.38
C LYS A 521 7.12 25.74 1.19
N GLY A 522 6.72 24.47 1.19
CA GLY A 522 5.96 23.91 0.09
C GLY A 522 5.04 22.83 0.59
N VAL A 523 3.99 22.57 -0.18
CA VAL A 523 3.08 21.47 0.11
C VAL A 523 2.78 20.75 -1.19
N GLY A 524 2.75 19.42 -1.11
CA GLY A 524 2.32 18.57 -2.22
C GLY A 524 1.17 17.68 -1.77
N THR A 525 0.10 17.64 -2.57
CA THR A 525 -1.03 16.78 -2.27
C THR A 525 -1.22 15.76 -3.36
N VAL A 526 -1.74 14.62 -2.96
CA VAL A 526 -1.94 13.50 -3.85
C VAL A 526 -3.22 12.79 -3.42
N ALA A 527 -4.07 12.45 -4.37
CA ALA A 527 -5.19 11.57 -4.09
C ALA A 527 -4.66 10.16 -4.17
N ALA A 528 -4.09 9.71 -3.06
CA ALA A 528 -3.55 8.36 -2.96
C ALA A 528 -4.70 7.33 -2.95
N PRO A 529 -4.39 6.06 -3.20
CA PRO A 529 -5.42 5.03 -3.24
C PRO A 529 -6.37 5.01 -2.04
N ARG A 530 -5.88 5.41 -0.87
CA ARG A 530 -6.65 5.31 0.36
C ARG A 530 -7.27 6.63 0.80
N GLY A 531 -6.99 7.70 0.05
CA GLY A 531 -7.59 9.01 0.31
C GLY A 531 -6.61 10.15 0.16
N ALA A 532 -6.73 11.14 1.04
CA ALA A 532 -6.05 12.40 0.92
C ALA A 532 -4.65 12.37 1.54
N LEU A 533 -3.63 12.49 0.69
CA LEU A 533 -2.23 12.50 1.12
C LEU A 533 -1.64 13.89 0.95
N GLY A 534 -0.94 14.36 1.98
CA GLY A 534 -0.14 15.55 1.86
C GLY A 534 1.22 15.46 2.54
N HIS A 535 2.20 16.10 1.91
CA HIS A 535 3.53 16.32 2.45
C HIS A 535 3.76 17.81 2.53
N TRP A 536 4.17 18.29 3.71
CA TRP A 536 4.47 19.69 3.93
C TRP A 536 5.96 19.80 4.29
N ILE A 537 6.69 20.64 3.57
CA ILE A 537 8.14 20.76 3.78
C ILE A 537 8.53 22.19 4.09
N ARG A 538 9.49 22.37 4.99
CA ARG A 538 10.19 23.65 5.16
C ARG A 538 11.66 23.46 4.82
N ILE A 539 12.18 24.32 3.94
CA ILE A 539 13.55 24.27 3.51
C ILE A 539 14.31 25.45 4.09
N LYS A 540 15.53 25.19 4.55
CA LYS A 540 16.39 26.24 5.11
C LYS A 540 17.84 25.96 4.73
N ASP A 541 18.49 26.92 4.09
CA ASP A 541 19.90 26.79 3.72
C ASP A 541 20.17 25.50 2.96
N GLY A 542 19.27 25.15 2.06
CA GLY A 542 19.44 23.96 1.24
C GLY A 542 19.12 22.62 1.88
N ARG A 543 18.66 22.63 3.14
CA ARG A 543 18.40 21.40 3.89
C ARG A 543 16.95 21.39 4.38
N ILE A 544 16.45 20.21 4.70
CA ILE A 544 15.10 20.06 5.24
C ILE A 544 15.07 20.55 6.69
N GLU A 545 14.29 21.60 6.94
CA GLU A 545 14.10 22.11 8.31
C GLU A 545 13.00 21.31 8.98
N ASN A 546 11.92 21.08 8.24
CA ASN A 546 10.81 20.29 8.73
C ASN A 546 10.15 19.57 7.55
N TYR A 547 9.72 18.35 7.80
CA TYR A 547 9.00 17.57 6.81
C TYR A 547 7.94 16.79 7.54
N GLN A 548 6.67 17.08 7.23
CA GLN A 548 5.55 16.44 7.90
C GLN A 548 4.59 15.82 6.88
N CYS A 549 4.23 14.57 7.11
CA CYS A 549 3.28 13.86 6.26
C CYS A 549 1.95 13.66 7.00
N VAL A 550 0.85 13.88 6.29
CA VAL A 550 -0.48 13.49 6.76
C VAL A 550 -1.08 12.61 5.67
N VAL A 551 -1.35 11.38 6.04
CA VAL A 551 -1.51 10.29 5.09
C VAL A 551 -2.95 9.75 5.25
N PRO A 552 -3.52 9.16 4.19
CA PRO A 552 -4.97 8.89 4.28
C PRO A 552 -5.36 8.04 5.45
N THR A 553 -4.58 7.02 5.74
CA THR A 553 -4.90 6.11 6.82
C THR A 553 -4.67 6.81 8.17
N THR A 554 -3.79 7.82 8.20
CA THR A 554 -3.73 8.71 9.37
C THR A 554 -5.11 9.32 9.65
N TRP A 555 -5.77 9.85 8.62
CA TRP A 555 -7.13 10.36 8.80
C TRP A 555 -8.08 9.26 9.28
N ASN A 556 -8.17 8.18 8.51
CA ASN A 556 -9.20 7.17 8.77
C ASN A 556 -8.93 6.37 10.04
N GLY A 557 -7.67 6.00 10.24
CA GLY A 557 -7.29 5.17 11.38
C GLY A 557 -7.11 5.93 12.69
N SER A 558 -7.31 7.25 12.69
CA SER A 558 -6.92 8.09 13.82
C SER A 558 -7.61 7.73 15.11
N PRO A 559 -6.93 7.96 16.24
CA PRO A 559 -7.59 7.86 17.53
C PRO A 559 -8.36 9.14 17.82
N ARG A 560 -8.97 9.20 18.98
CA ARG A 560 -9.81 10.32 19.32
C ARG A 560 -8.98 11.61 19.46
N ASP A 561 -9.63 12.75 19.25
CA ASP A 561 -8.94 14.03 19.30
C ASP A 561 -9.16 14.67 20.67
N TYR A 562 -8.75 15.92 20.84
CA TYR A 562 -8.86 16.62 22.12
C TYR A 562 -10.31 16.70 22.60
N LYS A 563 -11.23 16.92 21.67
CA LYS A 563 -12.65 16.95 21.97
C LYS A 563 -13.27 15.57 22.17
N GLY A 564 -12.53 14.51 21.89
CA GLY A 564 -13.05 13.14 22.05
C GLY A 564 -13.79 12.63 20.82
N GLN A 565 -13.71 13.36 19.72
CA GLN A 565 -14.34 12.93 18.47
C GLN A 565 -13.63 11.71 17.87
N ILE A 566 -14.41 10.72 17.48
CA ILE A 566 -13.87 9.49 16.89
C ILE A 566 -13.59 9.63 15.40
N GLY A 567 -12.61 8.85 14.93
CA GLY A 567 -12.23 8.84 13.52
C GLY A 567 -13.04 7.82 12.73
N ALA A 568 -12.75 7.71 11.44
CA ALA A 568 -13.51 6.88 10.51
C ALA A 568 -13.55 5.40 10.84
N PHE A 569 -12.40 4.78 11.15
CA PHE A 569 -12.38 3.36 11.50
C PHE A 569 -13.33 3.09 12.67
N GLU A 570 -13.16 3.83 13.76
CA GLU A 570 -13.94 3.58 14.99
C GLU A 570 -15.43 3.78 14.76
N ALA A 571 -15.78 4.81 14.00
CA ALA A 571 -17.18 5.10 13.70
C ALA A 571 -17.82 4.02 12.81
N SER A 572 -17.04 3.49 11.87
CA SER A 572 -17.53 2.49 10.94
C SER A 572 -17.82 1.16 11.62
N LEU A 573 -17.15 0.87 12.72
CA LEU A 573 -17.42 -0.37 13.47
C LEU A 573 -18.65 -0.29 14.35
N MET A 574 -18.98 0.93 14.79
CA MET A 574 -20.14 1.13 15.65
C MET A 574 -21.42 0.59 15.05
N ASN A 575 -22.29 0.12 15.94
CA ASN A 575 -23.67 -0.26 15.59
C ASN A 575 -23.71 -1.45 14.65
N THR A 576 -22.68 -2.30 14.75
CA THR A 576 -22.56 -3.45 13.88
C THR A 576 -22.73 -4.72 14.69
N PRO A 577 -23.67 -5.59 14.29
CA PRO A 577 -23.81 -6.87 14.98
C PRO A 577 -22.76 -7.87 14.53
N MET A 578 -22.31 -8.69 15.47
CA MET A 578 -21.40 -9.78 15.17
C MET A 578 -22.15 -11.08 15.38
N VAL A 579 -22.07 -11.97 14.39
CA VAL A 579 -22.64 -13.30 14.50
C VAL A 579 -22.01 -14.05 15.68
N ASN A 580 -20.68 -13.96 15.78
CA ASN A 580 -19.93 -14.56 16.88
C ASN A 580 -18.88 -13.59 17.38
N PRO A 581 -19.01 -13.14 18.63
CA PRO A 581 -18.12 -12.09 19.13
C PRO A 581 -16.62 -12.41 19.05
N GLU A 582 -16.23 -13.68 19.20
CA GLU A 582 -14.82 -14.03 19.10
C GLU A 582 -14.38 -14.50 17.70
N GLN A 583 -15.24 -14.27 16.71
CA GLN A 583 -14.80 -14.32 15.30
C GLN A 583 -14.97 -12.92 14.69
N PRO A 584 -13.86 -12.23 14.38
CA PRO A 584 -13.92 -10.83 13.93
C PRO A 584 -14.26 -10.65 12.44
N VAL A 585 -15.17 -11.46 11.92
CA VAL A 585 -15.54 -11.42 10.50
C VAL A 585 -16.04 -10.04 10.10
N GLU A 586 -16.97 -9.50 10.88
CA GLU A 586 -17.58 -8.21 10.57
C GLU A 586 -16.59 -7.07 10.77
N ILE A 587 -15.73 -7.18 11.78
CA ILE A 587 -14.71 -6.18 12.07
C ILE A 587 -13.74 -6.11 10.88
N LEU A 588 -13.27 -7.27 10.44
CA LEU A 588 -12.38 -7.34 9.31
C LEU A 588 -13.04 -6.84 8.02
N ARG A 589 -14.27 -7.25 7.74
CA ARG A 589 -14.96 -6.82 6.53
C ARG A 589 -15.02 -5.30 6.43
N THR A 590 -15.42 -4.65 7.51
CA THR A 590 -15.54 -3.20 7.52
C THR A 590 -14.19 -2.49 7.55
N LEU A 591 -13.28 -2.91 8.44
CA LEU A 591 -11.95 -2.29 8.49
C LEU A 591 -11.26 -2.39 7.14
N HIS A 592 -11.29 -3.57 6.54
CA HIS A 592 -10.69 -3.80 5.24
C HIS A 592 -11.30 -2.97 4.13
N SER A 593 -12.58 -2.60 4.27
CA SER A 593 -13.20 -1.73 3.27
C SER A 593 -12.54 -0.34 3.19
N PHE A 594 -11.82 0.08 4.24
CA PHE A 594 -10.99 1.29 4.18
C PHE A 594 -9.61 1.04 3.56
N ASP A 595 -9.25 -0.23 3.32
CA ASP A 595 -7.92 -0.57 2.81
C ASP A 595 -6.82 0.01 3.73
N PRO A 596 -6.81 -0.41 5.00
CA PRO A 596 -5.88 0.19 5.96
C PRO A 596 -4.42 -0.02 5.60
N CYS A 597 -3.67 1.08 5.47
CA CYS A 597 -2.23 1.01 5.29
C CYS A 597 -1.59 1.62 6.55
N LEU A 598 -1.16 0.76 7.45
CA LEU A 598 -0.75 1.22 8.78
C LEU A 598 0.65 1.80 8.80
N ALA A 599 1.51 1.32 7.90
CA ALA A 599 2.84 1.89 7.78
C ALA A 599 2.72 3.33 7.27
N CYS A 600 1.85 3.53 6.30
CA CYS A 600 1.46 4.87 5.88
C CYS A 600 0.98 5.75 7.02
N SER A 601 0.06 5.22 7.82
CA SER A 601 -0.64 6.03 8.82
C SER A 601 0.33 6.63 9.82
N THR A 602 1.40 5.91 10.11
CA THR A 602 2.33 6.29 11.17
C THR A 602 3.66 6.82 10.63
N HIS A 603 4.11 6.27 9.51
CA HIS A 603 5.37 6.63 8.86
C HIS A 603 6.50 6.95 9.86
N PRO B 5 4.47 -33.13 0.93
CA PRO B 5 4.44 -32.31 2.14
C PRO B 5 5.33 -31.08 2.01
N ARG B 6 4.71 -29.93 1.75
CA ARG B 6 5.44 -28.70 1.42
C ARG B 6 6.05 -28.03 2.67
N THR B 7 7.25 -27.45 2.53
CA THR B 7 7.98 -26.85 3.66
C THR B 7 7.23 -25.64 4.20
N PRO B 8 6.96 -25.62 5.52
CA PRO B 8 6.27 -24.44 6.03
C PRO B 8 7.16 -23.20 6.03
N VAL B 9 6.55 -22.08 5.64
CA VAL B 9 7.18 -20.78 5.73
C VAL B 9 6.34 -19.93 6.66
N LEU B 10 6.98 -19.43 7.73
CA LEU B 10 6.37 -18.44 8.60
C LEU B 10 7.00 -17.10 8.25
N TRP B 11 6.17 -16.20 7.72
CA TRP B 11 6.62 -14.92 7.21
C TRP B 11 6.20 -13.83 8.22
N LEU B 12 7.17 -13.30 8.94
CA LEU B 12 6.90 -12.26 9.93
C LEU B 12 7.18 -10.89 9.35
N HIS B 13 6.49 -9.90 9.90
CA HIS B 13 6.60 -8.51 9.50
C HIS B 13 6.96 -7.67 10.70
N GLY B 14 8.11 -7.00 10.65
CA GLY B 14 8.49 -6.05 11.70
C GLY B 14 8.14 -4.64 11.30
N LEU B 15 9.06 -3.71 11.56
CA LEU B 15 8.98 -2.37 10.98
C LEU B 15 9.37 -2.48 9.52
N GLU B 16 8.46 -2.12 8.65
CA GLU B 16 8.63 -2.34 7.22
C GLU B 16 7.63 -1.52 6.44
N CYS B 17 7.78 -1.51 5.12
CA CYS B 17 6.86 -0.81 4.26
C CYS B 17 6.00 -1.79 3.46
N THR B 18 6.27 -3.08 3.59
CA THR B 18 5.56 -4.14 2.87
C THR B 18 5.96 -4.27 1.39
N GLY B 19 6.99 -3.53 0.97
CA GLY B 19 7.47 -3.59 -0.42
C GLY B 19 8.15 -4.90 -0.80
N CYS B 20 8.73 -5.59 0.18
CA CYS B 20 9.34 -6.89 -0.06
C CYS B 20 8.25 -7.96 -0.35
N SER B 21 7.17 -7.94 0.43
CA SER B 21 6.00 -8.79 0.14
C SER B 21 5.44 -8.53 -1.26
N GLU B 22 5.30 -7.25 -1.61
CA GLU B 22 4.81 -6.86 -2.91
C GLU B 22 5.75 -7.34 -4.03
N SER B 23 7.04 -7.20 -3.84
CA SER B 23 8.00 -7.64 -4.86
C SER B 23 7.87 -9.14 -5.09
N PHE B 24 7.80 -9.89 -3.99
CA PHE B 24 7.62 -11.33 -4.02
C PHE B 24 6.48 -11.77 -4.94
N ILE B 25 5.32 -11.13 -4.82
CA ILE B 25 4.18 -11.52 -5.65
C ILE B 25 4.27 -11.06 -7.12
N ARG B 26 5.26 -10.26 -7.45
CA ARG B 26 5.50 -9.92 -8.86
C ARG B 26 6.25 -11.00 -9.63
N SER B 27 6.80 -11.99 -8.93
CA SER B 27 7.65 -12.98 -9.60
C SER B 27 6.92 -13.69 -10.74
N ALA B 28 7.58 -13.80 -11.89
CA ALA B 28 7.01 -14.54 -13.03
C ALA B 28 7.53 -15.97 -13.10
N HIS B 29 8.77 -16.18 -12.66
CA HIS B 29 9.45 -17.47 -12.82
C HIS B 29 10.16 -17.86 -11.53
N PRO B 30 9.48 -18.57 -10.63
CA PRO B 30 8.12 -19.10 -10.70
C PRO B 30 7.06 -18.08 -10.27
N LEU B 31 5.82 -18.33 -10.67
CA LEU B 31 4.68 -17.53 -10.22
C LEU B 31 4.51 -17.64 -8.71
N ALA B 32 4.17 -16.53 -8.06
CA ALA B 32 3.91 -16.55 -6.63
C ALA B 32 2.74 -17.49 -6.33
N LYS B 33 1.75 -17.51 -7.22
CA LYS B 33 0.63 -18.46 -7.12
C LYS B 33 1.16 -19.88 -6.99
N ASP B 34 2.12 -20.25 -7.83
CA ASP B 34 2.68 -21.61 -7.83
C ASP B 34 3.57 -21.90 -6.62
N VAL B 35 4.24 -20.89 -6.07
CA VAL B 35 5.05 -21.12 -4.87
CA VAL B 35 5.05 -21.07 -4.86
C VAL B 35 4.14 -21.35 -3.67
N VAL B 36 3.09 -20.55 -3.55
CA VAL B 36 2.15 -20.63 -2.42
C VAL B 36 1.31 -21.92 -2.45
N LEU B 37 0.87 -22.32 -3.64
CA LEU B 37 0.01 -23.50 -3.78
C LEU B 37 0.79 -24.83 -3.88
N SER B 38 1.96 -24.80 -4.51
CA SER B 38 2.64 -26.04 -4.93
C SER B 38 4.05 -26.28 -4.38
N MET B 39 4.69 -25.26 -3.80
CA MET B 39 6.09 -25.39 -3.38
C MET B 39 6.27 -25.23 -1.86
N ILE B 40 5.72 -24.15 -1.31
CA ILE B 40 5.79 -23.93 0.14
C ILE B 40 4.40 -24.03 0.75
N SER B 41 4.36 -24.07 2.09
CA SER B 41 3.12 -23.88 2.83
C SER B 41 3.22 -22.57 3.60
N LEU B 42 2.62 -21.52 3.06
CA LEU B 42 2.70 -20.18 3.63
C LEU B 42 1.66 -20.05 4.73
N ASP B 43 2.07 -20.36 5.97
CA ASP B 43 1.13 -20.58 7.07
C ASP B 43 0.90 -19.36 7.96
N TYR B 44 1.89 -18.47 8.01
CA TYR B 44 1.72 -17.20 8.70
C TYR B 44 2.32 -16.08 7.85
N ASP B 45 1.50 -15.07 7.58
CA ASP B 45 1.86 -13.93 6.76
C ASP B 45 0.70 -12.95 6.87
N ASP B 46 0.87 -11.94 7.72
CA ASP B 46 -0.24 -11.04 8.06
CA ASP B 46 -0.21 -11.00 8.07
C ASP B 46 -0.83 -10.29 6.86
N THR B 47 -0.11 -10.27 5.74
CA THR B 47 -0.58 -9.61 4.54
C THR B 47 -1.71 -10.36 3.86
N LEU B 48 -1.69 -11.69 3.92
CA LEU B 48 -2.65 -12.46 3.12
C LEU B 48 -3.42 -13.53 3.87
N MET B 49 -3.05 -13.81 5.12
CA MET B 49 -3.69 -14.89 5.85
C MET B 49 -5.14 -14.57 6.21
N ALA B 50 -5.99 -15.59 6.15
CA ALA B 50 -7.42 -15.45 6.45
C ALA B 50 -7.65 -15.08 7.92
N ALA B 51 -6.96 -15.79 8.81
CA ALA B 51 -7.18 -15.62 10.24
C ALA B 51 -6.60 -14.30 10.76
N ALA B 52 -7.15 -13.83 11.87
CA ALA B 52 -6.64 -12.65 12.54
C ALA B 52 -6.61 -12.89 14.04
N GLY B 53 -6.00 -11.96 14.77
CA GLY B 53 -6.03 -11.99 16.23
C GLY B 53 -5.55 -13.30 16.84
N HIS B 54 -6.36 -13.86 17.74
CA HIS B 54 -5.97 -15.07 18.47
C HIS B 54 -5.79 -16.28 17.54
N GLN B 55 -6.60 -16.31 16.49
CA GLN B 55 -6.60 -17.42 15.53
C GLN B 55 -5.31 -17.41 14.71
N ALA B 56 -4.79 -16.22 14.45
CA ALA B 56 -3.52 -16.05 13.76
C ALA B 56 -2.36 -16.45 14.69
N GLU B 57 -2.40 -15.96 15.92
CA GLU B 57 -1.39 -16.33 16.94
C GLU B 57 -1.28 -17.85 17.08
N ALA B 58 -2.42 -18.51 17.11
CA ALA B 58 -2.48 -19.96 17.30
C ALA B 58 -1.81 -20.74 16.17
N ILE B 59 -1.67 -20.13 15.00
CA ILE B 59 -1.02 -20.80 13.87
C ILE B 59 0.45 -21.04 14.17
N LEU B 60 1.11 -20.03 14.72
CA LEU B 60 2.54 -20.10 14.99
C LEU B 60 2.90 -21.24 15.93
N GLU B 61 2.21 -21.32 17.07
CA GLU B 61 2.39 -22.43 18.00
C GLU B 61 2.24 -23.76 17.30
N GLU B 62 1.21 -23.89 16.46
CA GLU B 62 0.89 -25.16 15.84
C GLU B 62 2.01 -25.64 14.92
N ILE B 63 2.50 -24.76 14.06
CA ILE B 63 3.48 -25.19 13.05
C ILE B 63 4.89 -25.34 13.62
N MET B 64 5.21 -24.58 14.66
CA MET B 64 6.48 -24.74 15.33
C MET B 64 6.55 -26.11 16.00
N THR B 65 5.45 -26.51 16.62
CA THR B 65 5.35 -27.83 17.23
C THR B 65 5.54 -28.97 16.22
N LYS B 66 4.70 -28.97 15.18
CA LYS B 66 4.62 -30.08 14.25
C LYS B 66 5.81 -30.14 13.30
N TYR B 67 6.41 -29.00 12.99
CA TYR B 67 7.51 -28.96 12.04
C TYR B 67 8.80 -28.38 12.62
N LYS B 68 9.01 -28.54 13.92
CA LYS B 68 10.18 -28.02 14.62
CA LYS B 68 10.16 -27.89 14.52
C LYS B 68 11.47 -28.31 13.86
N GLY B 69 12.29 -27.29 13.62
CA GLY B 69 13.56 -27.45 12.91
C GLY B 69 13.37 -27.88 11.47
N ASN B 70 12.15 -27.68 10.94
CA ASN B 70 11.86 -27.99 9.54
C ASN B 70 10.95 -26.97 8.87
N TYR B 71 10.88 -25.76 9.43
CA TYR B 71 10.24 -24.64 8.74
C TYR B 71 11.25 -23.52 8.51
N ILE B 72 11.01 -22.73 7.47
CA ILE B 72 11.81 -21.55 7.19
C ILE B 72 11.13 -20.33 7.79
N LEU B 73 11.90 -19.52 8.52
CA LEU B 73 11.39 -18.24 8.99
C LEU B 73 11.85 -17.17 8.01
N ALA B 74 10.89 -16.52 7.35
CA ALA B 74 11.18 -15.36 6.51
C ALA B 74 10.83 -14.13 7.33
N VAL B 75 11.75 -13.18 7.40
CA VAL B 75 11.49 -11.93 8.10
C VAL B 75 11.55 -10.74 7.15
N GLU B 76 10.46 -9.98 7.13
CA GLU B 76 10.40 -8.71 6.43
C GLU B 76 10.40 -7.60 7.50
N GLY B 77 11.26 -6.60 7.33
CA GLY B 77 11.38 -5.54 8.30
C GLY B 77 12.28 -5.94 9.46
N ASN B 78 12.21 -5.18 10.56
CA ASN B 78 13.10 -5.38 11.69
C ASN B 78 12.48 -4.95 13.01
N PRO B 79 13.09 -5.36 14.14
CA PRO B 79 12.66 -4.95 15.47
C PRO B 79 13.26 -3.61 15.92
N PRO B 80 12.45 -2.75 16.55
CA PRO B 80 12.98 -1.59 17.24
C PRO B 80 13.32 -1.89 18.69
N LEU B 81 14.42 -1.32 19.17
CA LEU B 81 14.85 -1.49 20.57
C LEU B 81 14.46 -0.32 21.47
N ASN B 82 14.15 0.83 20.89
CA ASN B 82 13.67 1.95 21.70
C ASN B 82 12.19 1.77 21.98
N GLN B 83 11.63 2.67 22.79
CA GLN B 83 10.22 2.60 23.20
C GLN B 83 9.88 1.25 23.85
N ASP B 84 10.89 0.63 24.46
CA ASP B 84 10.77 -0.71 25.03
C ASP B 84 10.28 -1.74 24.02
N GLY B 85 10.63 -1.53 22.76
CA GLY B 85 10.22 -2.41 21.67
C GLY B 85 8.81 -2.19 21.17
N MET B 86 8.08 -1.29 21.80
CA MET B 86 6.66 -1.09 21.53
C MET B 86 6.38 -0.07 20.40
N SER B 87 7.42 0.31 19.67
CA SER B 87 7.23 0.98 18.40
C SER B 87 6.95 -0.06 17.30
N CYS B 88 6.96 -1.34 17.67
CA CYS B 88 6.36 -2.40 16.85
C CYS B 88 5.69 -3.44 17.76
N ILE B 89 4.37 -3.32 17.88
CA ILE B 89 3.58 -4.17 18.77
C ILE B 89 2.87 -5.25 17.95
N ILE B 90 2.99 -6.50 18.41
CA ILE B 90 2.22 -7.62 17.89
C ILE B 90 1.59 -8.37 19.06
N GLY B 91 0.27 -8.52 19.04
CA GLY B 91 -0.42 -9.21 20.14
C GLY B 91 -0.19 -8.55 21.49
N GLY B 92 -0.08 -7.22 21.49
CA GLY B 92 0.15 -6.45 22.71
C GLY B 92 1.58 -6.53 23.24
N ARG B 93 2.48 -7.12 22.47
CA ARG B 93 3.85 -7.36 22.91
C ARG B 93 4.87 -6.90 21.87
N PRO B 94 6.13 -6.70 22.29
CA PRO B 94 7.11 -6.21 21.34
C PRO B 94 7.34 -7.23 20.24
N PHE B 95 7.57 -6.76 19.02
CA PHE B 95 7.86 -7.64 17.91
C PHE B 95 9.10 -8.49 18.17
N ILE B 96 10.12 -7.89 18.80
CA ILE B 96 11.37 -8.61 19.05
C ILE B 96 11.14 -9.92 19.82
N GLU B 97 10.13 -9.95 20.69
CA GLU B 97 9.75 -11.19 21.37
C GLU B 97 9.21 -12.24 20.43
N GLN B 98 8.34 -11.85 19.51
CA GLN B 98 7.81 -12.77 18.50
C GLN B 98 8.93 -13.27 17.60
N LEU B 99 9.78 -12.35 17.13
CA LEU B 99 10.93 -12.72 16.31
C LEU B 99 11.76 -13.82 16.98
N LYS B 100 12.14 -13.59 18.23
CA LYS B 100 13.01 -14.52 18.95
C LYS B 100 12.34 -15.87 19.19
N TYR B 101 11.04 -15.85 19.46
CA TYR B 101 10.28 -17.07 19.74
C TYR B 101 10.20 -17.95 18.49
N VAL B 102 9.87 -17.35 17.35
CA VAL B 102 9.74 -18.11 16.10
C VAL B 102 11.11 -18.53 15.55
N ALA B 103 12.12 -17.69 15.72
CA ALA B 103 13.46 -17.98 15.22
C ALA B 103 14.09 -19.24 15.83
N LYS B 104 13.84 -19.47 17.11
CA LYS B 104 14.61 -20.48 17.84
C LYS B 104 14.47 -21.90 17.31
N ASP B 105 13.33 -22.23 16.70
CA ASP B 105 13.11 -23.56 16.14
C ASP B 105 13.06 -23.60 14.61
N ALA B 106 13.51 -22.52 13.97
CA ALA B 106 13.52 -22.46 12.52
C ALA B 106 14.72 -23.23 11.97
N LYS B 107 14.51 -23.88 10.84
CA LYS B 107 15.59 -24.54 10.11
C LYS B 107 16.54 -23.51 9.49
N ALA B 108 15.96 -22.45 8.95
CA ALA B 108 16.71 -21.40 8.30
C ALA B 108 15.97 -20.09 8.46
N ILE B 109 16.72 -19.00 8.39
CA ILE B 109 16.14 -17.67 8.50
C ILE B 109 16.50 -16.83 7.28
N ILE B 110 15.47 -16.30 6.62
CA ILE B 110 15.65 -15.41 5.49
C ILE B 110 15.40 -13.99 5.93
N SER B 111 16.39 -13.13 5.78
CA SER B 111 16.20 -11.70 5.97
C SER B 111 15.84 -11.08 4.64
N TRP B 112 14.55 -10.81 4.43
CA TRP B 112 14.08 -10.17 3.21
C TRP B 112 14.43 -8.69 3.22
N GLY B 113 15.17 -8.26 2.19
CA GLY B 113 15.38 -6.84 1.96
C GLY B 113 16.37 -6.14 2.86
N SER B 114 16.59 -4.86 2.55
CA SER B 114 17.57 -4.05 3.25
C SER B 114 17.18 -3.76 4.70
N CYS B 115 15.89 -3.64 4.98
CA CYS B 115 15.43 -3.45 6.36
C CYS B 115 15.86 -4.61 7.24
N ALA B 116 15.42 -5.82 6.90
CA ALA B 116 15.77 -7.01 7.69
C ALA B 116 17.27 -7.26 7.69
N SER B 117 17.90 -7.11 6.52
CA SER B 117 19.34 -7.36 6.36
C SER B 117 20.22 -6.37 7.10
N TRP B 118 19.91 -5.09 7.02
CA TRP B 118 20.87 -4.07 7.46
C TRP B 118 20.31 -2.96 8.35
N GLY B 119 19.00 -2.76 8.34
CA GLY B 119 18.37 -1.69 9.14
C GLY B 119 17.37 -0.88 8.36
N GLY B 120 17.68 -0.61 7.10
CA GLY B 120 16.72 0.05 6.21
C GLY B 120 16.48 1.50 6.54
N VAL B 121 15.44 2.05 5.96
CA VAL B 121 15.18 3.47 6.03
C VAL B 121 15.01 3.93 7.48
N GLN B 122 14.33 3.13 8.30
CA GLN B 122 14.09 3.47 9.70
C GLN B 122 15.36 3.53 10.55
N ALA B 123 16.41 2.81 10.13
CA ALA B 123 17.70 2.83 10.82
C ALA B 123 18.62 3.95 10.32
N ALA B 124 18.19 4.68 9.30
CA ALA B 124 18.92 5.87 8.88
C ALA B 124 18.89 6.90 10.00
N LYS B 125 19.92 7.75 10.04
CA LYS B 125 20.11 8.71 11.12
C LYS B 125 18.89 9.61 11.31
N PRO B 126 18.49 9.85 12.56
CA PRO B 126 19.08 9.41 13.82
C PRO B 126 18.49 8.12 14.39
N ASN B 127 17.85 7.31 13.54
CA ASN B 127 17.24 6.05 13.97
C ASN B 127 16.43 6.14 15.27
N PRO B 128 15.32 6.89 15.26
CA PRO B 128 14.51 7.16 16.47
C PRO B 128 14.01 5.91 17.23
N THR B 129 13.79 4.81 16.52
CA THR B 129 13.25 3.58 17.14
C THR B 129 14.33 2.55 17.47
N GLN B 130 15.58 2.90 17.19
CA GLN B 130 16.71 1.97 17.28
CA GLN B 130 16.71 1.97 17.28
C GLN B 130 16.35 0.66 16.57
N ALA B 131 15.90 0.80 15.33
CA ALA B 131 15.61 -0.34 14.49
C ALA B 131 16.92 -1.09 14.23
N THR B 132 16.87 -2.41 14.39
CA THR B 132 18.07 -3.24 14.41
C THR B 132 17.90 -4.44 13.46
N PRO B 133 18.88 -4.68 12.58
CA PRO B 133 18.76 -5.83 11.67
C PRO B 133 18.68 -7.18 12.37
N VAL B 134 18.04 -8.14 11.70
CA VAL B 134 17.71 -9.43 12.28
C VAL B 134 18.95 -10.14 12.81
N HIS B 135 20.00 -10.18 11.99
CA HIS B 135 21.23 -10.90 12.38
C HIS B 135 21.95 -10.33 13.61
N LYS B 136 21.65 -9.08 13.99
CA LYS B 136 22.24 -8.50 15.20
CA LYS B 136 22.24 -8.49 15.20
CA LYS B 136 22.24 -8.49 15.20
C LYS B 136 21.39 -8.80 16.44
N VAL B 137 20.22 -9.41 16.22
CA VAL B 137 19.34 -9.82 17.32
C VAL B 137 19.32 -11.35 17.46
N ILE B 138 19.25 -12.05 16.33
CA ILE B 138 19.36 -13.50 16.32
C ILE B 138 20.78 -13.85 15.89
N THR B 139 21.58 -14.33 16.83
CA THR B 139 23.01 -14.59 16.61
C THR B 139 23.37 -16.08 16.57
N ASP B 140 22.40 -16.96 16.80
CA ASP B 140 22.68 -18.40 16.90
C ASP B 140 21.92 -19.26 15.88
N LYS B 141 21.54 -18.65 14.76
CA LYS B 141 20.80 -19.33 13.71
C LYS B 141 21.39 -19.00 12.36
N PRO B 142 21.28 -19.91 11.38
CA PRO B 142 21.78 -19.61 10.04
C PRO B 142 20.85 -18.61 9.33
N ILE B 143 21.41 -17.48 8.92
CA ILE B 143 20.64 -16.42 8.27
C ILE B 143 21.19 -16.13 6.87
N ILE B 144 20.29 -16.09 5.88
CA ILE B 144 20.65 -15.63 4.55
C ILE B 144 20.09 -14.22 4.34
N LYS B 145 20.94 -13.28 3.93
CA LYS B 145 20.53 -11.91 3.66
C LYS B 145 20.18 -11.79 2.20
N VAL B 146 18.99 -11.26 1.92
CA VAL B 146 18.54 -11.03 0.56
C VAL B 146 18.25 -9.53 0.44
N PRO B 147 19.30 -8.71 0.30
CA PRO B 147 19.09 -7.27 0.36
C PRO B 147 18.63 -6.62 -0.94
N GLY B 148 18.25 -5.36 -0.84
CA GLY B 148 17.60 -4.65 -1.91
C GLY B 148 16.38 -4.02 -1.31
N CYS B 149 15.94 -2.90 -1.90
CA CYS B 149 14.81 -2.15 -1.36
C CYS B 149 13.72 -1.90 -2.41
N PRO B 150 12.93 -2.94 -2.72
CA PRO B 150 13.03 -4.32 -2.28
C PRO B 150 13.95 -5.12 -3.19
N PRO B 151 14.20 -6.39 -2.85
CA PRO B 151 14.95 -7.23 -3.78
C PRO B 151 14.11 -7.52 -5.03
N ILE B 152 14.78 -7.86 -6.13
CA ILE B 152 14.10 -8.30 -7.35
C ILE B 152 13.20 -9.50 -7.04
N ALA B 153 12.03 -9.56 -7.66
CA ALA B 153 11.07 -10.63 -7.41
C ALA B 153 11.70 -12.03 -7.63
N GLU B 154 12.40 -12.18 -8.75
CA GLU B 154 12.99 -13.46 -9.14
C GLU B 154 14.18 -13.87 -8.28
N VAL B 155 14.86 -12.88 -7.70
CA VAL B 155 15.86 -13.15 -6.68
C VAL B 155 15.19 -13.71 -5.41
N MET B 156 14.04 -13.16 -5.02
CA MET B 156 13.36 -13.63 -3.81
C MET B 156 12.86 -15.07 -3.97
N THR B 157 12.18 -15.34 -5.07
CA THR B 157 11.64 -16.67 -5.33
C THR B 157 12.75 -17.64 -5.74
N GLY B 158 13.83 -17.08 -6.28
CA GLY B 158 14.99 -17.88 -6.66
C GLY B 158 15.71 -18.45 -5.46
N VAL B 159 15.79 -17.65 -4.39
CA VAL B 159 16.34 -18.11 -3.12
C VAL B 159 15.45 -19.21 -2.54
N ILE B 160 14.14 -18.97 -2.54
CA ILE B 160 13.16 -19.93 -2.05
C ILE B 160 13.25 -21.23 -2.83
N THR B 161 13.20 -21.13 -4.16
CA THR B 161 13.28 -22.30 -5.03
C THR B 161 14.54 -23.12 -4.73
N TYR B 162 15.69 -22.46 -4.61
CA TYR B 162 16.93 -23.15 -4.28
C TYR B 162 16.84 -23.89 -2.94
N MET B 163 16.38 -23.20 -1.91
CA MET B 163 16.31 -23.79 -0.59
C MET B 163 15.35 -24.99 -0.57
N LEU B 164 14.25 -24.88 -1.33
CA LEU B 164 13.26 -25.96 -1.41
C LEU B 164 13.79 -27.16 -2.20
N THR B 165 14.51 -26.90 -3.29
CA THR B 165 15.00 -28.00 -4.14
C THR B 165 16.08 -28.80 -3.43
N PHE B 166 17.03 -28.10 -2.81
CA PHE B 166 18.22 -28.75 -2.26
C PHE B 166 18.23 -28.92 -0.74
N ASP B 167 17.33 -28.23 -0.05
CA ASP B 167 17.28 -28.25 1.41
C ASP B 167 18.63 -27.77 2.00
N ARG B 168 19.15 -26.70 1.43
CA ARG B 168 20.41 -26.10 1.86
C ARG B 168 20.31 -24.60 1.63
N ILE B 169 21.08 -23.83 2.39
CA ILE B 169 21.25 -22.41 2.12
C ILE B 169 22.24 -22.31 0.97
N PRO B 170 21.96 -21.47 -0.04
CA PRO B 170 22.94 -21.36 -1.12
C PRO B 170 24.24 -20.75 -0.61
N GLU B 171 25.30 -20.87 -1.39
N GLU B 171 25.30 -20.88 -1.40
CA GLU B 171 26.61 -20.37 -0.97
CA GLU B 171 26.62 -20.33 -1.05
C GLU B 171 26.56 -18.85 -0.79
C GLU B 171 26.53 -18.82 -0.79
N LEU B 172 27.01 -18.39 0.37
CA LEU B 172 26.92 -16.98 0.78
C LEU B 172 28.24 -16.26 0.69
N ASP B 173 28.20 -14.96 0.41
CA ASP B 173 29.42 -14.15 0.50
C ASP B 173 29.70 -13.77 1.95
N ARG B 174 30.72 -12.94 2.16
CA ARG B 174 31.16 -12.54 3.49
C ARG B 174 30.03 -11.86 4.27
N GLN B 175 29.22 -11.09 3.57
CA GLN B 175 28.14 -10.32 4.17
C GLN B 175 26.84 -11.12 4.33
N GLY B 176 26.88 -12.40 3.98
CA GLY B 176 25.73 -13.29 4.15
C GLY B 176 24.73 -13.32 3.00
N ARG B 177 25.15 -12.80 1.85
CA ARG B 177 24.29 -12.74 0.66
C ARG B 177 24.58 -13.88 -0.30
N PRO B 178 23.54 -14.41 -0.97
CA PRO B 178 23.71 -15.52 -1.89
C PRO B 178 24.49 -15.11 -3.13
N LYS B 179 25.59 -15.80 -3.41
CA LYS B 179 26.47 -15.45 -4.52
C LYS B 179 25.80 -15.57 -5.88
N MET B 180 24.84 -16.48 -5.99
CA MET B 180 24.13 -16.70 -7.26
C MET B 180 23.36 -15.46 -7.72
N PHE B 181 23.16 -14.51 -6.81
CA PHE B 181 22.48 -13.27 -7.14
C PHE B 181 23.28 -11.99 -6.87
N TYR B 182 24.21 -12.03 -5.92
CA TYR B 182 24.89 -10.82 -5.47
C TYR B 182 26.40 -10.81 -5.70
N SER B 183 26.88 -11.58 -6.66
CA SER B 183 28.32 -11.67 -6.92
C SER B 183 28.83 -10.54 -7.82
N GLN B 184 27.96 -9.93 -8.62
CA GLN B 184 28.34 -8.82 -9.50
C GLN B 184 27.83 -7.47 -8.98
N ARG B 185 28.65 -6.44 -9.19
CA ARG B 185 28.18 -5.07 -8.99
C ARG B 185 27.38 -4.65 -10.21
N ILE B 186 26.42 -3.75 -10.01
CA ILE B 186 25.62 -3.23 -11.13
C ILE B 186 26.52 -2.77 -12.27
N HIS B 187 27.58 -2.06 -11.90
CA HIS B 187 28.56 -1.48 -12.83
C HIS B 187 29.26 -2.52 -13.73
N ASP B 188 29.33 -3.77 -13.28
CA ASP B 188 30.06 -4.83 -14.01
C ASP B 188 29.49 -5.07 -15.41
N LYS B 189 28.16 -5.18 -15.50
CA LYS B 189 27.51 -5.53 -16.76
CA LYS B 189 27.49 -5.54 -16.75
C LYS B 189 26.47 -4.50 -17.21
N CYS B 190 26.49 -3.32 -16.57
CA CYS B 190 25.56 -2.25 -16.94
C CYS B 190 25.72 -1.90 -18.42
N TYR B 191 24.61 -1.84 -19.15
CA TYR B 191 24.64 -1.60 -20.59
C TYR B 191 25.19 -0.20 -20.91
N ARG B 192 25.25 0.68 -19.92
CA ARG B 192 25.84 2.02 -20.13
C ARG B 192 27.36 2.04 -19.95
N ARG B 193 27.97 0.90 -19.67
CA ARG B 193 29.40 0.86 -19.41
C ARG B 193 30.25 1.50 -20.52
N PRO B 194 29.99 1.13 -21.79
CA PRO B 194 30.75 1.74 -22.86
C PRO B 194 30.86 3.26 -22.74
N HIS B 195 29.78 3.92 -22.34
CA HIS B 195 29.80 5.37 -22.15
C HIS B 195 30.71 5.76 -20.99
N PHE B 196 30.55 5.09 -19.85
CA PHE B 196 31.46 5.29 -18.72
C PHE B 196 32.93 5.14 -19.13
N ASP B 197 33.22 4.08 -19.88
CA ASP B 197 34.57 3.76 -20.31
C ASP B 197 35.16 4.86 -21.22
N ALA B 198 34.31 5.57 -21.95
CA ALA B 198 34.74 6.65 -22.83
C ALA B 198 34.56 8.04 -22.21
N GLY B 199 34.06 8.10 -20.98
CA GLY B 199 33.88 9.36 -20.29
C GLY B 199 32.72 10.17 -20.83
N GLN B 200 31.65 9.47 -21.21
CA GLN B 200 30.45 10.06 -21.77
C GLN B 200 29.36 10.04 -20.71
N PHE B 201 29.08 11.21 -20.12
CA PHE B 201 28.25 11.30 -18.94
C PHE B 201 27.11 12.29 -19.08
N VAL B 202 25.99 11.99 -18.44
CA VAL B 202 24.94 12.97 -18.22
C VAL B 202 25.44 13.97 -17.18
N GLU B 203 25.25 15.26 -17.46
CA GLU B 203 25.66 16.32 -16.53
C GLU B 203 24.46 17.05 -15.91
N GLU B 204 23.38 17.17 -16.67
CA GLU B 204 22.12 17.69 -16.15
C GLU B 204 21.00 16.79 -16.65
N TRP B 205 19.92 16.70 -15.87
CA TRP B 205 18.78 15.89 -16.31
C TRP B 205 18.24 16.36 -17.66
N ASP B 206 17.91 15.39 -18.51
CA ASP B 206 17.34 15.66 -19.84
C ASP B 206 18.23 16.50 -20.75
N ASP B 207 19.55 16.49 -20.51
CA ASP B 207 20.48 17.07 -21.49
C ASP B 207 20.63 16.10 -22.67
N GLU B 208 21.36 16.51 -23.69
CA GLU B 208 21.53 15.70 -24.88
C GLU B 208 22.10 14.32 -24.53
N SER B 209 23.01 14.33 -23.56
CA SER B 209 23.66 13.10 -23.11
C SER B 209 22.67 12.10 -22.51
N ALA B 210 21.70 12.61 -21.74
CA ALA B 210 20.69 11.77 -21.13
C ALA B 210 19.79 11.16 -22.19
N ARG B 211 19.50 11.94 -23.24
CA ARG B 211 18.67 11.47 -24.34
C ARG B 211 19.38 10.41 -25.19
N LYS B 212 20.71 10.36 -25.10
CA LYS B 212 21.51 9.31 -25.76
C LYS B 212 21.86 8.13 -24.85
N GLY B 213 21.34 8.13 -23.62
CA GLY B 213 21.62 7.05 -22.67
C GLY B 213 23.04 7.00 -22.12
N PHE B 214 23.67 8.16 -21.99
CA PHE B 214 25.02 8.25 -21.43
C PHE B 214 25.04 7.85 -19.96
N CYS B 215 26.23 7.51 -19.49
CA CYS B 215 26.43 7.02 -18.13
C CYS B 215 25.91 8.02 -17.09
N LEU B 216 25.42 7.49 -15.98
CA LEU B 216 24.77 8.30 -14.96
C LEU B 216 25.65 8.55 -13.73
N TYR B 217 26.95 8.27 -13.85
CA TYR B 217 27.91 8.42 -12.75
C TYR B 217 27.87 9.82 -12.13
N LYS B 218 27.94 10.84 -12.97
CA LYS B 218 28.01 12.22 -12.50
C LYS B 218 26.68 12.73 -11.95
N MET B 219 25.60 11.97 -12.17
CA MET B 219 24.31 12.25 -11.54
C MET B 219 24.13 11.45 -10.25
N GLY B 220 25.19 10.77 -9.81
CA GLY B 220 25.21 10.09 -8.51
C GLY B 220 25.06 8.58 -8.48
N CYS B 221 25.05 7.94 -9.66
CA CYS B 221 24.86 6.49 -9.74
C CYS B 221 25.82 5.74 -8.84
N LYS B 222 25.28 4.90 -7.95
CA LYS B 222 26.09 4.13 -7.02
C LYS B 222 26.29 2.70 -7.50
N GLY B 223 26.06 2.46 -8.78
CA GLY B 223 26.27 1.13 -9.38
C GLY B 223 27.67 0.58 -9.18
N PRO B 224 28.70 1.45 -9.19
CA PRO B 224 30.07 0.96 -8.99
C PRO B 224 30.38 0.35 -7.63
N THR B 225 29.53 0.59 -6.64
CA THR B 225 29.75 0.06 -5.29
C THR B 225 28.56 -0.70 -4.75
N THR B 226 27.68 -1.16 -5.65
CA THR B 226 26.42 -1.80 -5.25
C THR B 226 26.28 -3.19 -5.89
N TYR B 227 26.11 -4.21 -5.04
CA TYR B 227 25.97 -5.59 -5.49
C TYR B 227 24.50 -6.00 -5.57
N ASN B 228 24.08 -6.32 -6.79
CA ASN B 228 22.73 -6.80 -7.04
C ASN B 228 22.68 -7.34 -8.47
N ALA B 229 21.52 -7.90 -8.86
CA ALA B 229 21.36 -8.55 -10.16
C ALA B 229 20.64 -7.65 -11.18
N CYS B 230 20.51 -6.37 -10.84
CA CYS B 230 19.65 -5.47 -11.59
C CYS B 230 20.08 -5.27 -13.02
N SER B 231 21.38 -5.32 -13.31
CA SER B 231 21.87 -5.01 -14.64
C SER B 231 21.73 -6.19 -15.60
N THR B 232 21.58 -7.40 -15.07
CA THR B 232 21.44 -8.59 -15.90
C THR B 232 20.02 -9.14 -15.83
N THR B 233 19.63 -9.64 -14.65
CA THR B 233 18.27 -10.15 -14.43
C THR B 233 17.23 -9.05 -14.66
N ARG B 234 17.50 -7.86 -14.14
CA ARG B 234 16.60 -6.72 -14.26
C ARG B 234 15.25 -6.97 -13.57
N TRP B 235 14.33 -6.03 -13.74
CA TRP B 235 13.14 -5.93 -12.89
C TRP B 235 11.85 -6.25 -13.63
N ASN B 236 10.90 -6.85 -12.91
CA ASN B 236 9.56 -7.09 -13.43
C ASN B 236 9.61 -7.86 -14.75
N GLU B 237 10.18 -9.06 -14.66
CA GLU B 237 10.41 -9.96 -15.80
C GLU B 237 11.28 -9.29 -16.88
N GLY B 238 12.41 -8.73 -16.45
CA GLY B 238 13.41 -8.19 -17.37
C GLY B 238 12.99 -6.95 -18.16
N THR B 239 12.05 -6.18 -17.61
CA THR B 239 11.46 -5.07 -18.36
C THR B 239 12.39 -3.86 -18.36
N SER B 240 12.93 -3.53 -17.19
CA SER B 240 13.88 -2.45 -17.09
C SER B 240 14.67 -2.56 -15.79
N PHE B 241 15.47 -1.54 -15.52
CA PHE B 241 16.05 -1.32 -14.21
C PHE B 241 16.38 0.15 -14.06
N PRO B 242 16.63 0.60 -12.82
CA PRO B 242 16.76 2.03 -12.57
C PRO B 242 17.56 2.79 -13.62
N ILE B 243 18.74 2.28 -13.95
CA ILE B 243 19.62 2.93 -14.92
C ILE B 243 19.03 2.97 -16.33
N GLN B 244 18.37 1.90 -16.74
CA GLN B 244 17.75 1.83 -18.05
C GLN B 244 16.64 2.87 -18.18
N SER B 245 15.89 3.07 -17.10
CA SER B 245 14.82 4.08 -17.06
C SER B 245 15.31 5.50 -16.75
N GLY B 246 16.61 5.66 -16.52
CA GLY B 246 17.22 6.98 -16.52
C GLY B 246 17.69 7.54 -15.19
N HIS B 247 17.43 6.84 -14.10
CA HIS B 247 17.91 7.27 -12.78
C HIS B 247 19.08 6.42 -12.34
N GLY B 248 20.09 7.05 -11.77
CA GLY B 248 21.22 6.32 -11.25
C GLY B 248 20.81 5.38 -10.14
N CYS B 249 21.61 4.34 -9.95
CA CYS B 249 21.42 3.45 -8.82
C CYS B 249 21.63 4.29 -7.55
N ILE B 250 20.75 4.09 -6.56
CA ILE B 250 20.91 4.77 -5.27
C ILE B 250 21.59 3.88 -4.24
N GLY B 251 21.99 2.67 -4.67
CA GLY B 251 22.74 1.74 -3.83
C GLY B 251 21.89 0.97 -2.84
N CYS B 252 20.67 0.63 -3.24
CA CYS B 252 19.63 0.22 -2.28
C CYS B 252 19.79 -1.19 -1.69
N SER B 253 20.69 -1.99 -2.26
CA SER B 253 21.02 -3.30 -1.70
C SER B 253 22.16 -3.24 -0.69
N GLU B 254 22.83 -2.09 -0.55
CA GLU B 254 24.04 -1.99 0.29
C GLU B 254 23.78 -1.49 1.72
N ASP B 255 24.55 -2.05 2.64
CA ASP B 255 24.50 -1.69 4.06
C ASP B 255 24.68 -0.18 4.23
N GLY B 256 23.68 0.44 4.87
CA GLY B 256 23.74 1.86 5.22
C GLY B 256 23.67 2.83 4.05
N PHE B 257 22.98 2.46 2.97
CA PHE B 257 22.98 3.29 1.77
C PHE B 257 22.25 4.61 1.95
N TRP B 258 21.34 4.68 2.92
CA TRP B 258 20.60 5.90 3.21
C TRP B 258 21.49 7.00 3.78
N ASP B 259 22.62 6.61 4.37
CA ASP B 259 23.51 7.57 5.01
C ASP B 259 24.89 7.66 4.35
N LYS B 260 24.96 7.41 3.06
CA LYS B 260 26.21 7.60 2.33
C LYS B 260 26.16 8.90 1.53
N GLY B 261 25.46 9.90 2.07
CA GLY B 261 25.34 11.20 1.42
C GLY B 261 24.20 11.22 0.43
N SER B 262 24.02 12.35 -0.26
CA SER B 262 22.96 12.50 -1.24
C SER B 262 23.06 11.49 -2.38
N PHE B 263 21.91 11.03 -2.84
CA PHE B 263 21.87 10.08 -3.93
C PHE B 263 22.38 10.69 -5.20
N TYR B 264 22.38 12.03 -5.29
CA TYR B 264 22.84 12.72 -6.51
C TYR B 264 24.28 13.22 -6.44
N ASP B 265 24.95 12.99 -5.31
CA ASP B 265 26.39 13.22 -5.19
C ASP B 265 27.15 12.06 -5.80
N ARG B 266 28.00 12.37 -6.76
CA ARG B 266 28.80 11.35 -7.41
C ARG B 266 29.79 10.68 -6.43
N LEU B 267 30.14 9.44 -6.74
CA LEU B 267 31.21 8.76 -6.01
C LEU B 267 32.51 9.47 -6.33
N THR B 268 33.39 9.56 -5.34
CA THR B 268 34.72 10.17 -5.53
C THR B 268 35.70 9.11 -6.01
N GLY B 269 36.80 9.54 -6.62
CA GLY B 269 37.82 8.63 -7.12
C GLY B 269 37.31 7.75 -8.26
N ILE B 270 36.79 8.38 -9.32
CA ILE B 270 36.28 7.64 -10.49
C ILE B 270 37.32 6.68 -11.11
N SER B 271 38.61 6.98 -10.90
CA SER B 271 39.71 6.12 -11.34
C SER B 271 39.63 4.70 -10.76
N GLN B 272 39.09 4.56 -9.55
CA GLN B 272 38.99 3.26 -8.91
C GLN B 272 37.95 2.34 -9.56
N PHE B 273 37.09 2.91 -10.41
CA PHE B 273 36.01 2.15 -11.05
C PHE B 273 36.26 1.91 -12.54
#